data_3FPV
#
_entry.id   3FPV
#
_cell.length_a   152.522
_cell.length_b   152.522
_cell.length_c   152.522
_cell.angle_alpha   90.00
_cell.angle_beta   90.00
_cell.angle_gamma   90.00
#
_symmetry.space_group_name_H-M   'P 21 3'
#
loop_
_entity.id
_entity.type
_entity.pdbx_description
1 polymer 'Extracellular haem-binding protein'
2 non-polymer 'FE (III) ION'
3 water water
#
_entity_poly.entity_id   1
_entity_poly.type   'polypeptide(L)'
_entity_poly.pdbx_seq_one_letter_code
;GAGAMSSRKKPSRRTRVLVGGAALAVLGAGVVGTVAANAADTTEATPAAAPVAARGGELTQSTHLTLEAATKAARAAVEA
AEKDGRHVSVAVVDRNGNTLVTLRGDGAGPQSYESAERKAFTAVSWNAPTSELAKRLAQAPTLKDIPGTLFLAGGTPVTA
KGAPVAGIGVAGAPSGDLDEQYARAGAAVLGH
;
_entity_poly.pdbx_strand_id   A,B,C,D,E,F,G,H
#
loop_
_chem_comp.id
_chem_comp.type
_chem_comp.name
_chem_comp.formula
FE non-polymer 'FE (III) ION' 'Fe 3'
#
# COMPACT_ATOMS: atom_id res chain seq x y z
N VAL A 52 -15.77 -31.28 5.38
CA VAL A 52 -16.08 -31.33 3.92
C VAL A 52 -14.85 -31.70 3.10
N ALA A 53 -14.88 -32.88 2.50
CA ALA A 53 -13.70 -33.45 1.86
C ALA A 53 -13.84 -33.44 0.34
N ALA A 54 -12.80 -32.98 -0.34
CA ALA A 54 -12.63 -33.22 -1.77
C ALA A 54 -11.88 -34.52 -2.06
N ARG A 55 -12.22 -35.15 -3.18
CA ARG A 55 -11.40 -36.21 -3.76
C ARG A 55 -11.70 -36.40 -5.24
N GLY A 56 -11.08 -37.41 -5.85
CA GLY A 56 -9.69 -37.29 -6.27
C GLY A 56 -9.54 -36.57 -7.60
N GLY A 57 -10.60 -36.60 -8.40
CA GLY A 57 -10.61 -35.93 -9.69
C GLY A 57 -10.63 -34.41 -9.59
N GLU A 58 -11.08 -33.92 -8.44
CA GLU A 58 -11.08 -32.48 -8.19
C GLU A 58 -9.83 -32.05 -7.42
N LEU A 59 -8.96 -33.02 -7.13
CA LEU A 59 -7.64 -32.73 -6.60
C LEU A 59 -6.58 -32.63 -7.70
N THR A 60 -5.61 -31.75 -7.49
CA THR A 60 -4.36 -31.79 -8.25
C THR A 60 -3.16 -31.56 -7.33
N GLN A 61 -1.97 -31.88 -7.82
CA GLN A 61 -0.76 -31.88 -6.99
C GLN A 61 0.26 -30.88 -7.52
N SER A 62 1.08 -30.34 -6.62
CA SER A 62 2.26 -29.58 -7.02
C SER A 62 3.50 -30.00 -6.23
N THR A 63 4.67 -29.72 -6.78
CA THR A 63 5.94 -30.08 -6.15
C THR A 63 6.70 -28.83 -5.69
N HIS A 64 7.37 -28.95 -4.55
CA HIS A 64 8.06 -27.82 -3.93
C HIS A 64 9.36 -28.29 -3.29
N LEU A 65 10.32 -27.36 -3.18
CA LEU A 65 11.35 -27.47 -2.15
C LEU A 65 10.73 -27.58 -0.76
N THR A 66 11.24 -28.51 0.04
CA THR A 66 11.17 -28.41 1.50
C THR A 66 11.80 -27.12 1.98
N LEU A 67 11.32 -26.62 3.12
CA LEU A 67 12.01 -25.54 3.84
C LEU A 67 13.49 -25.86 4.02
N GLU A 68 13.78 -27.10 4.40
CA GLU A 68 15.16 -27.53 4.63
C GLU A 68 16.04 -27.33 3.40
N ALA A 69 15.50 -27.66 2.23
CA ALA A 69 16.24 -27.51 0.98
C ALA A 69 16.41 -26.05 0.60
N ALA A 70 15.32 -25.29 0.72
CA ALA A 70 15.35 -23.85 0.43
C ALA A 70 16.38 -23.14 1.30
N THR A 71 16.37 -23.46 2.59
CA THR A 71 17.33 -22.89 3.54
C THR A 71 18.76 -23.26 3.16
N LYS A 72 18.96 -24.53 2.85
CA LYS A 72 20.27 -25.03 2.42
C LYS A 72 20.78 -24.28 1.20
N ALA A 73 19.91 -24.14 0.19
CA ALA A 73 20.27 -23.41 -1.02
C ALA A 73 20.55 -21.93 -0.74
N ALA A 74 19.73 -21.33 0.11
CA ALA A 74 19.85 -19.91 0.43
C ALA A 74 21.17 -19.62 1.15
N ARG A 75 21.50 -20.46 2.13
CA ARG A 75 22.73 -20.28 2.90
C ARG A 75 23.97 -20.51 2.05
N ALA A 76 23.86 -21.37 1.05
CA ALA A 76 24.94 -21.63 0.10
C ALA A 76 25.21 -20.41 -0.79
N ALA A 77 24.15 -19.70 -1.14
CA ALA A 77 24.28 -18.48 -1.94
C ALA A 77 24.97 -17.36 -1.17
N VAL A 78 24.58 -17.19 0.09
CA VAL A 78 25.28 -16.31 1.02
C VAL A 78 26.76 -16.68 1.10
N GLU A 79 27.03 -17.98 1.30
CA GLU A 79 28.38 -18.46 1.57
C GLU A 79 29.31 -18.23 0.39
N ALA A 80 28.78 -18.40 -0.82
CA ALA A 80 29.54 -18.13 -2.04
C ALA A 80 29.83 -16.65 -2.23
N ALA A 81 28.89 -15.81 -1.80
CA ALA A 81 29.11 -14.36 -1.81
C ALA A 81 30.11 -13.94 -0.74
N GLU A 82 29.93 -14.47 0.47
CA GLU A 82 30.93 -14.32 1.54
C GLU A 82 32.34 -14.59 1.04
N LYS A 83 32.47 -15.59 0.18
CA LYS A 83 33.77 -16.10 -0.24
C LYS A 83 34.51 -15.10 -1.11
N ASP A 84 33.77 -14.24 -1.81
CA ASP A 84 34.37 -13.18 -2.61
C ASP A 84 34.32 -11.83 -1.92
N GLY A 85 34.11 -11.85 -0.61
CA GLY A 85 34.06 -10.62 0.18
C GLY A 85 32.86 -9.76 -0.17
N ARG A 86 31.77 -10.41 -0.58
CA ARG A 86 30.57 -9.72 -1.01
C ARG A 86 29.50 -9.76 0.08
N HIS A 87 28.64 -8.74 0.10
CA HIS A 87 27.55 -8.70 1.06
C HIS A 87 26.21 -8.60 0.35
N VAL A 88 25.44 -9.68 0.41
CA VAL A 88 24.22 -9.82 -0.38
C VAL A 88 23.03 -10.13 0.53
N SER A 89 21.84 -9.91 0.00
CA SER A 89 20.65 -10.59 0.50
C SER A 89 20.25 -11.74 -0.42
N VAL A 90 19.63 -12.75 0.15
CA VAL A 90 19.19 -13.92 -0.61
C VAL A 90 17.73 -14.24 -0.29
N ALA A 91 16.94 -14.48 -1.33
CA ALA A 91 15.57 -14.95 -1.16
C ALA A 91 15.34 -16.22 -1.97
N VAL A 92 14.60 -17.16 -1.39
CA VAL A 92 14.02 -18.25 -2.15
C VAL A 92 12.50 -18.13 -2.21
N VAL A 93 11.98 -18.03 -3.44
CA VAL A 93 10.55 -17.86 -3.64
C VAL A 93 9.93 -19.08 -4.31
N ASP A 94 8.93 -19.66 -3.67
CA ASP A 94 8.16 -20.76 -4.24
C ASP A 94 7.55 -20.40 -5.59
N ARG A 95 7.25 -21.41 -6.40
CA ARG A 95 6.55 -21.22 -7.66
C ARG A 95 5.13 -20.65 -7.47
N ASN A 96 4.64 -20.67 -6.24
CA ASN A 96 3.27 -20.23 -5.97
C ASN A 96 3.13 -18.75 -5.60
N GLY A 97 4.13 -17.94 -5.93
CA GLY A 97 5.31 -17.75 -5.09
C GLY A 97 5.06 -16.86 -3.89
N ASN A 98 4.62 -17.48 -2.80
CA ASN A 98 5.16 -17.18 -1.47
C ASN A 98 6.68 -17.23 -1.38
N THR A 99 7.25 -16.24 -0.70
CA THR A 99 8.61 -16.35 -0.17
C THR A 99 8.72 -17.46 0.87
N LEU A 100 9.73 -18.29 0.73
CA LEU A 100 10.00 -19.39 1.66
C LEU A 100 11.11 -19.04 2.63
N VAL A 101 12.18 -18.43 2.10
CA VAL A 101 13.35 -18.08 2.89
C VAL A 101 13.86 -16.70 2.48
N THR A 102 14.12 -15.83 3.46
CA THR A 102 15.02 -14.70 3.24
C THR A 102 16.20 -14.73 4.22
N LEU A 103 17.36 -14.32 3.73
CA LEU A 103 18.49 -13.99 4.60
C LEU A 103 19.12 -12.66 4.20
N ARG A 104 19.13 -11.71 5.13
CA ARG A 104 19.80 -10.43 4.91
C ARG A 104 21.24 -10.47 5.41
N GLY A 105 22.19 -10.42 4.48
CA GLY A 105 23.60 -10.56 4.81
C GLY A 105 24.15 -9.39 5.61
N ASP A 106 25.24 -9.63 6.31
CA ASP A 106 25.91 -8.59 7.10
C ASP A 106 26.53 -7.53 6.20
N GLY A 107 26.11 -6.28 6.37
CA GLY A 107 26.62 -5.19 5.56
C GLY A 107 26.07 -5.19 4.14
N ALA A 108 24.99 -5.92 3.94
CA ALA A 108 24.22 -5.84 2.69
C ALA A 108 23.51 -4.49 2.60
N GLY A 109 23.44 -3.94 1.40
CA GLY A 109 22.67 -2.73 1.14
C GLY A 109 21.20 -2.91 1.48
N PRO A 110 20.55 -1.85 1.96
CA PRO A 110 19.19 -1.94 2.46
C PRO A 110 18.19 -2.22 1.34
N GLN A 111 18.60 -1.95 0.11
CA GLN A 111 17.75 -2.13 -1.06
C GLN A 111 17.73 -3.58 -1.52
N SER A 112 18.70 -4.36 -1.05
CA SER A 112 19.00 -5.67 -1.63
C SER A 112 18.00 -6.72 -1.16
N TYR A 113 17.41 -6.49 0.01
CA TYR A 113 16.43 -7.40 0.57
C TYR A 113 15.26 -7.64 -0.37
N GLU A 114 14.52 -6.58 -0.65
CA GLU A 114 13.35 -6.65 -1.53
C GLU A 114 13.76 -6.98 -2.97
N SER A 115 14.95 -6.53 -3.35
CA SER A 115 15.46 -6.77 -4.70
C SER A 115 15.71 -8.25 -4.94
N ALA A 116 16.29 -8.92 -3.95
CA ALA A 116 16.47 -10.37 -4.01
C ALA A 116 15.13 -11.12 -4.09
N GLU A 117 14.16 -10.68 -3.30
CA GLU A 117 12.82 -11.28 -3.34
C GLU A 117 12.24 -11.25 -4.75
N ARG A 118 12.26 -10.07 -5.37
CA ARG A 118 11.61 -9.87 -6.66
C ARG A 118 12.33 -10.60 -7.80
N LYS A 119 13.66 -10.70 -7.70
CA LYS A 119 14.44 -11.46 -8.65
C LYS A 119 14.08 -12.95 -8.61
N ALA A 120 13.91 -13.49 -7.41
CA ALA A 120 13.53 -14.88 -7.23
C ALA A 120 12.12 -15.15 -7.73
N PHE A 121 11.22 -14.21 -7.46
CA PHE A 121 9.86 -14.23 -8.02
C PHE A 121 9.89 -14.29 -9.55
N THR A 122 10.70 -13.42 -10.15
CA THR A 122 10.72 -13.28 -11.59
C THR A 122 11.30 -14.52 -12.26
N ALA A 123 12.34 -15.08 -11.65
CA ALA A 123 12.99 -16.27 -12.18
C ALA A 123 12.04 -17.46 -12.21
N VAL A 124 11.30 -17.66 -11.11
CA VAL A 124 10.42 -18.82 -11.00
C VAL A 124 9.17 -18.67 -11.86
N SER A 125 8.78 -17.42 -12.11
CA SER A 125 7.57 -17.12 -12.85
C SER A 125 7.67 -17.57 -14.29
N TRP A 126 8.87 -17.51 -14.85
CA TRP A 126 9.07 -17.78 -16.28
C TRP A 126 10.09 -18.90 -16.50
N ASN A 127 10.53 -19.50 -15.39
CA ASN A 127 11.48 -20.61 -15.45
C ASN A 127 12.74 -20.28 -16.25
N ALA A 128 13.32 -19.12 -15.96
CA ALA A 128 14.55 -18.68 -16.60
C ALA A 128 15.31 -17.72 -15.69
N PRO A 129 16.65 -17.66 -15.84
CA PRO A 129 17.46 -16.64 -15.20
C PRO A 129 16.98 -15.23 -15.54
N THR A 130 17.00 -14.33 -14.57
CA THR A 130 16.57 -12.95 -14.80
C THR A 130 17.50 -12.21 -15.75
N SER A 131 18.76 -12.64 -15.78
CA SER A 131 19.71 -12.15 -16.79
C SER A 131 19.27 -12.49 -18.20
N GLU A 132 18.79 -13.72 -18.39
CA GLU A 132 18.15 -14.12 -19.64
C GLU A 132 16.87 -13.31 -19.89
N LEU A 133 16.10 -13.08 -18.82
CA LEU A 133 14.77 -12.48 -18.94
C LEU A 133 14.84 -11.00 -19.26
N ALA A 134 15.90 -10.34 -18.79
CA ALA A 134 16.10 -8.92 -19.06
C ALA A 134 16.35 -8.63 -20.53
N LYS A 135 16.88 -9.63 -21.24
CA LYS A 135 17.09 -9.54 -22.68
C LYS A 135 15.76 -9.45 -23.45
N ARG A 136 14.68 -9.88 -22.80
CA ARG A 136 13.37 -9.93 -23.44
C ARG A 136 12.76 -8.55 -23.60
N LEU A 137 13.30 -7.58 -22.88
CA LEU A 137 12.72 -6.24 -22.81
C LEU A 137 13.01 -5.42 -24.06
N ALA A 138 13.95 -5.91 -24.86
CA ALA A 138 14.21 -5.33 -26.18
C ALA A 138 12.98 -5.37 -27.07
N GLN A 139 12.37 -6.55 -27.19
CA GLN A 139 11.19 -6.73 -28.02
C GLN A 139 9.90 -6.40 -27.27
N ALA A 140 9.91 -6.64 -25.96
CA ALA A 140 8.70 -6.57 -25.16
C ALA A 140 8.93 -5.80 -23.86
N PRO A 141 8.96 -4.46 -23.96
CA PRO A 141 9.53 -3.61 -22.91
C PRO A 141 8.60 -3.45 -21.71
N THR A 142 7.34 -3.83 -21.87
CA THR A 142 6.34 -3.65 -20.82
C THR A 142 6.13 -4.93 -20.01
N LEU A 143 7.00 -5.92 -20.25
CA LEU A 143 7.10 -7.08 -19.37
C LEU A 143 7.49 -6.67 -17.95
N LYS A 144 8.23 -5.57 -17.83
CA LYS A 144 8.70 -5.10 -16.53
C LYS A 144 7.61 -4.32 -15.77
N ASP A 145 6.47 -4.13 -16.41
CA ASP A 145 5.33 -3.46 -15.77
C ASP A 145 4.40 -4.46 -15.10
N ILE A 146 4.68 -5.75 -15.30
CA ILE A 146 3.99 -6.81 -14.56
C ILE A 146 4.34 -6.75 -13.08
N PRO A 147 3.31 -6.61 -12.22
CA PRO A 147 3.52 -6.39 -10.78
C PRO A 147 4.42 -7.44 -10.17
N GLY A 148 5.35 -7.00 -9.32
CA GLY A 148 6.09 -7.92 -8.46
C GLY A 148 7.38 -8.40 -9.09
N THR A 149 7.65 -7.96 -10.32
CA THR A 149 8.79 -8.44 -11.08
C THR A 149 10.00 -7.52 -10.94
N LEU A 150 11.19 -8.09 -11.10
CA LEU A 150 12.40 -7.31 -11.33
C LEU A 150 13.26 -7.98 -12.39
N PHE A 151 13.32 -7.39 -13.57
CA PHE A 151 14.04 -7.98 -14.70
C PHE A 151 15.50 -7.57 -14.68
N LEU A 152 16.25 -8.16 -13.75
CA LEU A 152 17.62 -7.75 -13.49
C LEU A 152 18.42 -8.94 -12.95
N ALA A 153 19.61 -9.14 -13.49
CA ALA A 153 20.37 -10.37 -13.25
C ALA A 153 20.54 -10.63 -11.75
N GLY A 154 20.37 -11.87 -11.34
CA GLY A 154 20.56 -12.25 -9.94
C GLY A 154 19.53 -13.25 -9.43
N GLY A 155 18.61 -13.65 -10.31
CA GLY A 155 17.67 -14.72 -10.00
C GLY A 155 17.77 -15.88 -10.96
N THR A 156 17.73 -17.10 -10.41
CA THR A 156 17.84 -18.32 -11.21
C THR A 156 16.82 -19.37 -10.76
N PRO A 157 16.18 -20.06 -11.72
CA PRO A 157 15.12 -21.01 -11.41
C PRO A 157 15.67 -22.30 -10.81
N VAL A 158 14.89 -22.92 -9.92
CA VAL A 158 15.09 -24.32 -9.55
C VAL A 158 13.93 -25.18 -10.06
N THR A 159 14.26 -26.29 -10.72
CA THR A 159 13.26 -27.13 -11.35
C THR A 159 13.16 -28.49 -10.68
N ALA A 160 12.00 -29.12 -10.79
CA ALA A 160 11.86 -30.55 -10.52
C ALA A 160 11.23 -31.27 -11.70
N LYS A 161 11.96 -32.25 -12.23
CA LYS A 161 11.62 -32.88 -13.51
C LYS A 161 11.13 -31.85 -14.54
N GLY A 162 11.90 -30.78 -14.70
CA GLY A 162 11.73 -29.87 -15.81
C GLY A 162 10.97 -28.62 -15.42
N ALA A 163 10.06 -28.78 -14.46
CA ALA A 163 9.08 -27.74 -14.15
C ALA A 163 9.54 -26.92 -12.94
N PRO A 164 9.36 -25.59 -13.02
CA PRO A 164 9.88 -24.69 -11.99
C PRO A 164 9.18 -24.90 -10.65
N VAL A 165 9.95 -24.97 -9.57
CA VAL A 165 9.39 -25.12 -8.23
C VAL A 165 9.81 -24.00 -7.28
N ALA A 166 10.96 -23.39 -7.57
CA ALA A 166 11.48 -22.29 -6.78
C ALA A 166 12.36 -21.36 -7.62
N GLY A 167 12.49 -20.12 -7.19
CA GLY A 167 13.57 -19.25 -7.66
C GLY A 167 14.49 -18.85 -6.53
N ILE A 168 15.78 -18.76 -6.81
CA ILE A 168 16.74 -18.16 -5.89
C ILE A 168 17.17 -16.79 -6.37
N GLY A 169 16.95 -15.78 -5.53
CA GLY A 169 17.33 -14.41 -5.84
C GLY A 169 18.45 -13.91 -4.96
N VAL A 170 19.42 -13.24 -5.58
CA VAL A 170 20.51 -12.61 -4.85
C VAL A 170 20.66 -11.16 -5.30
N ALA A 171 20.88 -10.26 -4.35
CA ALA A 171 21.08 -8.85 -4.65
C ALA A 171 22.16 -8.25 -3.76
N GLY A 172 22.97 -7.36 -4.33
CA GLY A 172 23.70 -6.37 -3.55
C GLY A 172 25.21 -6.48 -3.81
N ALA A 173 25.59 -7.43 -4.64
CA ALA A 173 26.95 -7.50 -5.18
C ALA A 173 27.20 -6.38 -6.20
N PRO A 174 28.48 -6.17 -6.56
CA PRO A 174 28.86 -5.08 -7.47
C PRO A 174 28.11 -5.10 -8.79
N SER A 175 27.69 -6.28 -9.23
CA SER A 175 26.82 -6.41 -10.39
C SER A 175 25.79 -7.51 -10.21
N GLY A 176 24.73 -7.47 -10.99
CA GLY A 176 23.71 -8.52 -10.99
C GLY A 176 24.22 -9.83 -11.56
N ASP A 177 25.21 -9.74 -12.45
CA ASP A 177 25.84 -10.93 -13.02
C ASP A 177 26.59 -11.73 -11.96
N LEU A 178 27.25 -11.04 -11.05
CA LEU A 178 27.87 -11.68 -9.90
C LEU A 178 26.83 -12.19 -8.91
N ASP A 179 25.76 -11.42 -8.71
CA ASP A 179 24.61 -11.87 -7.95
C ASP A 179 24.11 -13.24 -8.43
N GLU A 180 23.94 -13.37 -9.75
CA GLU A 180 23.36 -14.57 -10.33
C GLU A 180 24.32 -15.75 -10.23
N GLN A 181 25.61 -15.46 -10.24
CA GLN A 181 26.64 -16.46 -10.01
C GLN A 181 26.51 -17.09 -8.63
N TYR A 182 26.25 -16.26 -7.63
CA TYR A 182 26.01 -16.74 -6.26
C TYR A 182 24.68 -17.47 -6.15
N ALA A 183 23.69 -17.02 -6.91
CA ALA A 183 22.40 -17.69 -6.96
C ALA A 183 22.53 -19.09 -7.55
N ARG A 184 23.35 -19.22 -8.59
CA ARG A 184 23.63 -20.51 -9.20
C ARG A 184 24.40 -21.42 -8.25
N ALA A 185 25.31 -20.84 -7.47
CA ALA A 185 26.00 -21.56 -6.41
C ALA A 185 25.02 -22.06 -5.36
N GLY A 186 23.98 -21.28 -5.10
CA GLY A 186 22.89 -21.71 -4.21
C GLY A 186 22.13 -22.90 -4.76
N ALA A 187 21.76 -22.82 -6.03
CA ALA A 187 21.04 -23.91 -6.69
C ALA A 187 21.88 -25.19 -6.75
N ALA A 188 23.21 -25.02 -6.74
CA ALA A 188 24.12 -26.11 -7.07
C ALA A 188 24.16 -27.17 -5.97
N VAL A 189 23.88 -26.77 -4.74
CA VAL A 189 23.93 -27.68 -3.60
C VAL A 189 22.70 -28.60 -3.54
N LEU A 190 21.68 -28.25 -4.33
CA LEU A 190 20.57 -29.16 -4.60
C LEU A 190 20.91 -30.08 -5.77
N GLY A 191 20.25 -31.24 -5.82
CA GLY A 191 19.97 -32.04 -4.63
C GLY A 191 21.18 -32.53 -3.87
N HIS A 192 22.02 -33.34 -4.52
CA HIS A 192 21.92 -33.54 -5.96
C HIS A 192 21.22 -34.86 -6.26
N VAL B 52 32.69 11.79 1.48
CA VAL B 52 33.14 12.64 2.61
C VAL B 52 32.87 11.97 3.95
N ALA B 53 33.82 12.11 4.87
CA ALA B 53 33.91 11.22 6.04
C ALA B 53 33.49 11.97 7.30
N ALA B 54 32.40 11.51 7.92
CA ALA B 54 32.18 11.73 9.35
C ALA B 54 33.24 11.06 10.21
N ARG B 55 33.59 11.70 11.32
CA ARG B 55 34.36 11.06 12.38
C ARG B 55 34.01 11.66 13.74
N GLY B 56 34.63 11.12 14.79
CA GLY B 56 34.03 10.06 15.58
C GLY B 56 33.07 10.60 16.63
N GLY B 57 33.08 11.92 16.80
CA GLY B 57 32.09 12.58 17.65
C GLY B 57 30.70 12.57 17.05
N GLU B 58 30.62 12.49 15.72
CA GLU B 58 29.35 12.50 15.02
C GLU B 58 28.81 11.08 14.84
N LEU B 59 29.53 10.11 15.37
CA LEU B 59 29.32 8.71 15.03
C LEU B 59 28.91 7.94 16.29
N THR B 60 28.08 6.91 16.11
CA THR B 60 27.77 6.00 17.19
C THR B 60 27.64 4.55 16.72
N GLN B 61 27.77 3.61 17.66
CA GLN B 61 27.72 2.19 17.34
C GLN B 61 26.38 1.60 17.72
N SER B 62 25.98 0.53 17.04
CA SER B 62 24.90 -0.31 17.51
C SER B 62 25.28 -1.79 17.42
N THR B 63 24.65 -2.60 18.26
CA THR B 63 24.94 -4.04 18.30
C THR B 63 23.83 -4.84 17.63
N HIS B 64 24.22 -5.90 16.94
CA HIS B 64 23.29 -6.73 16.18
C HIS B 64 23.70 -8.19 16.27
N LEU B 65 22.72 -9.09 16.15
CA LEU B 65 22.98 -10.45 15.70
C LEU B 65 23.64 -10.44 14.32
N THR B 66 24.67 -11.24 14.15
CA THR B 66 25.10 -11.67 12.83
C THR B 66 23.98 -12.44 12.13
N LEU B 67 24.01 -12.45 10.80
CA LEU B 67 23.14 -13.32 10.02
C LEU B 67 23.26 -14.77 10.47
N GLU B 68 24.51 -15.21 10.69
CA GLU B 68 24.80 -16.56 11.15
C GLU B 68 24.04 -16.90 12.43
N ALA B 69 24.05 -15.96 13.39
CA ALA B 69 23.36 -16.14 14.67
C ALA B 69 21.86 -16.13 14.50
N ALA B 70 21.36 -15.22 13.67
CA ALA B 70 19.93 -15.09 13.42
C ALA B 70 19.37 -16.35 12.76
N THR B 71 20.13 -16.90 11.82
CA THR B 71 19.73 -18.11 11.12
C THR B 71 19.70 -19.31 12.07
N LYS B 72 20.73 -19.42 12.91
CA LYS B 72 20.81 -20.48 13.91
C LYS B 72 19.59 -20.50 14.81
N ALA B 73 19.22 -19.32 15.33
CA ALA B 73 18.07 -19.18 16.22
C ALA B 73 16.76 -19.50 15.51
N ALA B 74 16.60 -18.96 14.30
CA ALA B 74 15.39 -19.19 13.51
C ALA B 74 15.18 -20.67 13.24
N ARG B 75 16.26 -21.37 12.87
CA ARG B 75 16.18 -22.79 12.55
C ARG B 75 15.93 -23.64 13.79
N ALA B 76 16.42 -23.17 14.93
CA ALA B 76 16.20 -23.85 16.21
C ALA B 76 14.74 -23.75 16.66
N ALA B 77 14.11 -22.60 16.40
CA ALA B 77 12.70 -22.42 16.68
C ALA B 77 11.83 -23.36 15.84
N VAL B 78 12.19 -23.51 14.56
CA VAL B 78 11.50 -24.43 13.67
C VAL B 78 11.66 -25.87 14.16
N GLU B 79 12.90 -26.22 14.50
CA GLU B 79 13.23 -27.58 14.93
C GLU B 79 12.52 -27.93 16.23
N ALA B 80 12.37 -26.96 17.11
CA ALA B 80 11.56 -27.12 18.32
C ALA B 80 10.10 -27.40 18.00
N ALA B 81 9.55 -26.67 17.03
CA ALA B 81 8.15 -26.83 16.66
C ALA B 81 7.90 -28.15 15.95
N GLU B 82 8.85 -28.53 15.09
CA GLU B 82 8.76 -29.76 14.33
C GLU B 82 8.81 -31.00 15.23
N LYS B 83 9.49 -30.85 16.37
CA LYS B 83 9.52 -31.90 17.38
C LYS B 83 8.14 -32.19 17.96
N ASP B 84 7.26 -31.19 17.94
CA ASP B 84 5.89 -31.36 18.40
C ASP B 84 4.90 -31.55 17.25
N GLY B 85 5.44 -31.70 16.05
CA GLY B 85 4.61 -31.96 14.87
C GLY B 85 3.89 -30.71 14.38
N ARG B 86 4.50 -29.56 14.62
CA ARG B 86 3.83 -28.28 14.41
C ARG B 86 4.46 -27.52 13.25
N HIS B 87 3.62 -26.96 12.40
CA HIS B 87 4.09 -26.27 11.20
C HIS B 87 3.99 -24.77 11.35
N VAL B 88 5.14 -24.12 11.53
CA VAL B 88 5.19 -22.72 11.90
C VAL B 88 5.97 -21.90 10.87
N SER B 89 5.76 -20.59 10.87
CA SER B 89 6.71 -19.66 10.27
C SER B 89 7.52 -18.96 11.35
N VAL B 90 8.79 -18.72 11.05
CA VAL B 90 9.68 -18.03 11.98
C VAL B 90 10.30 -16.80 11.32
N ALA B 91 10.42 -15.72 12.08
CA ALA B 91 11.11 -14.52 11.62
C ALA B 91 12.05 -13.98 12.69
N VAL B 92 13.22 -13.51 12.26
CA VAL B 92 14.11 -12.72 13.12
C VAL B 92 14.18 -11.28 12.63
N VAL B 93 13.89 -10.35 13.53
CA VAL B 93 13.85 -8.93 13.18
C VAL B 93 14.82 -8.14 14.07
N ASP B 94 15.69 -7.37 13.43
CA ASP B 94 16.65 -6.51 14.13
C ASP B 94 15.93 -5.43 14.94
N ARG B 95 16.64 -4.85 15.91
CA ARG B 95 16.10 -3.74 16.69
C ARG B 95 15.88 -2.49 15.83
N ASN B 96 16.48 -2.47 14.64
CA ASN B 96 16.40 -1.31 13.76
C ASN B 96 15.20 -1.29 12.81
N GLY B 97 14.15 -2.03 13.14
CA GLY B 97 14.04 -3.45 12.82
C GLY B 97 13.72 -3.72 11.36
N ASN B 98 14.77 -3.85 10.55
CA ASN B 98 14.80 -4.79 9.44
C ASN B 98 14.61 -6.25 9.86
N THR B 99 13.84 -6.99 9.07
CA THR B 99 13.87 -8.45 9.08
C THR B 99 15.22 -8.97 8.56
N LEU B 100 15.84 -9.86 9.33
CA LEU B 100 17.10 -10.47 8.93
C LEU B 100 16.90 -11.87 8.35
N VAL B 101 15.98 -12.63 8.95
CA VAL B 101 15.71 -13.99 8.53
C VAL B 101 14.21 -14.27 8.56
N THR B 102 13.68 -14.82 7.47
CA THR B 102 12.39 -15.52 7.51
C THR B 102 12.53 -16.97 7.07
N LEU B 103 11.81 -17.86 7.75
CA LEU B 103 11.61 -19.23 7.28
C LEU B 103 10.12 -19.58 7.30
N ARG B 104 9.58 -19.97 6.15
CA ARG B 104 8.21 -20.47 6.09
C ARG B 104 8.16 -21.99 6.14
N GLY B 105 7.60 -22.52 7.23
CA GLY B 105 7.60 -23.97 7.45
C GLY B 105 6.71 -24.71 6.48
N ASP B 106 7.07 -25.95 6.18
CA ASP B 106 6.24 -26.81 5.34
C ASP B 106 4.87 -27.04 5.98
N GLY B 107 3.82 -26.65 5.26
CA GLY B 107 2.45 -26.83 5.73
C GLY B 107 2.01 -25.83 6.80
N ALA B 108 2.85 -24.83 7.04
CA ALA B 108 2.44 -23.69 7.87
C ALA B 108 1.31 -22.90 7.20
N GLY B 109 0.37 -22.42 8.02
CA GLY B 109 -0.72 -21.59 7.52
C GLY B 109 -0.21 -20.34 6.84
N PRO B 110 -0.92 -19.90 5.79
CA PRO B 110 -0.43 -18.81 4.94
C PRO B 110 -0.35 -17.49 5.70
N GLN B 111 -1.16 -17.36 6.74
CA GLN B 111 -1.20 -16.14 7.56
C GLN B 111 0.06 -15.98 8.42
N SER B 112 0.75 -17.09 8.66
CA SER B 112 1.69 -17.18 9.77
C SER B 112 2.98 -16.43 9.46
N TYR B 113 3.30 -16.32 8.18
CA TYR B 113 4.55 -15.71 7.74
C TYR B 113 4.67 -14.27 8.22
N GLU B 114 3.70 -13.45 7.84
CA GLU B 114 3.66 -12.05 8.27
C GLU B 114 3.39 -11.91 9.77
N SER B 115 2.56 -12.82 10.30
CA SER B 115 2.27 -12.87 11.72
C SER B 115 3.55 -13.00 12.55
N ALA B 116 4.40 -13.95 12.17
CA ALA B 116 5.70 -14.14 12.81
C ALA B 116 6.57 -12.90 12.70
N GLU B 117 6.53 -12.25 11.54
CA GLU B 117 7.30 -11.04 11.29
C GLU B 117 6.94 -9.93 12.27
N ARG B 118 5.64 -9.73 12.47
CA ARG B 118 5.15 -8.61 13.26
C ARG B 118 5.36 -8.87 14.75
N LYS B 119 5.29 -10.14 15.15
CA LYS B 119 5.56 -10.55 16.52
C LYS B 119 7.01 -10.31 16.88
N ALA B 120 7.91 -10.65 15.97
CA ALA B 120 9.33 -10.37 16.12
C ALA B 120 9.57 -8.87 16.25
N PHE B 121 8.92 -8.10 15.38
CA PHE B 121 9.00 -6.65 15.40
C PHE B 121 8.51 -6.08 16.73
N THR B 122 7.35 -6.57 17.19
CA THR B 122 6.73 -6.04 18.40
C THR B 122 7.59 -6.33 19.63
N ALA B 123 8.10 -7.56 19.71
CA ALA B 123 8.90 -7.97 20.85
C ALA B 123 10.14 -7.09 21.02
N VAL B 124 10.87 -6.89 19.92
CA VAL B 124 12.14 -6.18 19.97
C VAL B 124 11.92 -4.68 20.15
N SER B 125 10.70 -4.23 19.89
CA SER B 125 10.36 -2.82 19.99
C SER B 125 10.28 -2.37 21.44
N TRP B 126 9.90 -3.29 22.32
CA TRP B 126 9.67 -2.97 23.73
C TRP B 126 10.45 -3.90 24.65
N ASN B 127 11.33 -4.70 24.05
CA ASN B 127 12.19 -5.62 24.81
C ASN B 127 11.41 -6.47 25.80
N ALA B 128 10.38 -7.15 25.31
CA ALA B 128 9.54 -8.00 26.13
C ALA B 128 8.82 -9.00 25.24
N PRO B 129 8.53 -10.20 25.78
CA PRO B 129 7.67 -11.17 25.11
C PRO B 129 6.30 -10.58 24.75
N THR B 130 5.78 -10.94 23.58
CA THR B 130 4.51 -10.38 23.11
C THR B 130 3.33 -10.84 23.96
N SER B 131 3.41 -12.05 24.50
CA SER B 131 2.46 -12.51 25.51
C SER B 131 2.40 -11.58 26.73
N GLU B 132 3.57 -11.06 27.11
CA GLU B 132 3.65 -10.05 28.16
C GLU B 132 3.09 -8.71 27.68
N LEU B 133 3.41 -8.35 26.43
CA LEU B 133 3.01 -7.07 25.88
C LEU B 133 1.50 -6.98 25.66
N ALA B 134 0.89 -8.12 25.31
CA ALA B 134 -0.55 -8.17 25.07
C ALA B 134 -1.35 -7.80 26.33
N LYS B 135 -0.77 -8.09 27.49
CA LYS B 135 -1.43 -7.82 28.77
C LYS B 135 -1.53 -6.31 29.04
N ARG B 136 -0.75 -5.52 28.33
CA ARG B 136 -0.72 -4.07 28.50
C ARG B 136 -1.95 -3.41 27.89
N LEU B 137 -2.67 -4.14 27.06
CA LEU B 137 -3.76 -3.58 26.27
C LEU B 137 -4.99 -3.31 27.12
N ALA B 138 -5.07 -3.96 28.28
CA ALA B 138 -6.16 -3.69 29.23
C ALA B 138 -6.20 -2.23 29.65
N GLN B 139 -5.04 -1.71 30.06
CA GLN B 139 -4.93 -0.31 30.50
C GLN B 139 -4.75 0.64 29.32
N ALA B 140 -4.00 0.21 28.32
CA ALA B 140 -3.69 1.06 27.18
C ALA B 140 -4.05 0.37 25.86
N PRO B 141 -5.36 0.34 25.54
CA PRO B 141 -5.89 -0.51 24.48
C PRO B 141 -5.45 -0.10 23.07
N THR B 142 -4.97 1.13 22.93
CA THR B 142 -4.65 1.67 21.60
C THR B 142 -3.18 1.46 21.25
N LEU B 143 -2.44 0.81 22.14
CA LEU B 143 -1.07 0.37 21.83
C LEU B 143 -1.03 -0.50 20.58
N LYS B 144 -2.11 -1.26 20.35
CA LYS B 144 -2.18 -2.16 19.21
C LYS B 144 -2.45 -1.43 17.91
N ASP B 145 -2.68 -0.11 18.00
CA ASP B 145 -2.89 0.71 16.82
C ASP B 145 -1.58 1.31 16.29
N ILE B 146 -0.49 1.04 16.99
CA ILE B 146 0.84 1.38 16.50
C ILE B 146 1.22 0.51 15.30
N PRO B 147 1.51 1.14 14.16
CA PRO B 147 1.75 0.43 12.90
C PRO B 147 2.86 -0.61 13.04
N GLY B 148 2.64 -1.79 12.47
CA GLY B 148 3.70 -2.78 12.37
C GLY B 148 3.65 -3.83 13.47
N THR B 149 2.78 -3.61 14.44
CA THR B 149 2.80 -4.40 15.67
C THR B 149 1.76 -5.52 15.64
N LEU B 150 2.03 -6.58 16.40
CA LEU B 150 1.04 -7.61 16.67
C LEU B 150 1.14 -8.06 18.13
N PHE B 151 0.15 -7.66 18.92
CA PHE B 151 0.19 -7.90 20.36
C PHE B 151 -0.38 -9.27 20.69
N LEU B 152 0.38 -10.31 20.34
CA LEU B 152 -0.11 -11.67 20.35
C LEU B 152 1.07 -12.60 20.60
N ALA B 153 0.88 -13.57 21.50
CA ALA B 153 1.98 -14.38 21.99
C ALA B 153 2.71 -15.07 20.85
N GLY B 154 4.03 -15.16 20.96
CA GLY B 154 4.84 -15.81 19.92
C GLY B 154 6.11 -15.06 19.58
N GLY B 155 6.24 -13.84 20.08
CA GLY B 155 7.46 -13.06 19.90
C GLY B 155 8.25 -12.89 21.18
N THR B 156 9.57 -13.05 21.10
CA THR B 156 10.42 -12.95 22.28
C THR B 156 11.75 -12.26 21.95
N PRO B 157 12.19 -11.34 22.81
CA PRO B 157 13.34 -10.49 22.51
C PRO B 157 14.66 -11.22 22.72
N VAL B 158 15.70 -10.79 22.01
CA VAL B 158 17.07 -11.18 22.32
C VAL B 158 17.91 -9.94 22.64
N THR B 159 18.69 -10.03 23.72
CA THR B 159 19.45 -8.88 24.21
C THR B 159 20.95 -9.09 24.05
N ALA B 160 21.69 -7.99 23.99
CA ALA B 160 23.12 -8.00 24.27
C ALA B 160 23.49 -6.89 25.25
N LYS B 161 24.19 -7.26 26.32
CA LYS B 161 24.35 -6.40 27.50
C LYS B 161 23.03 -5.76 27.90
N GLY B 162 21.96 -6.55 27.88
CA GLY B 162 20.70 -6.16 28.50
C GLY B 162 19.82 -5.34 27.58
N ALA B 163 20.42 -4.76 26.55
CA ALA B 163 19.70 -4.01 25.54
C ALA B 163 19.29 -4.91 24.38
N PRO B 164 18.07 -4.70 23.83
CA PRO B 164 17.52 -5.57 22.81
C PRO B 164 18.20 -5.39 21.46
N VAL B 165 18.54 -6.48 20.80
CA VAL B 165 19.21 -6.42 19.50
C VAL B 165 18.40 -7.13 18.41
N ALA B 166 17.55 -8.07 18.81
CA ALA B 166 16.69 -8.77 17.86
C ALA B 166 15.41 -9.26 18.54
N GLY B 167 14.38 -9.52 17.72
CA GLY B 167 13.23 -10.30 18.16
C GLY B 167 13.07 -11.56 17.34
N ILE B 168 12.64 -12.64 18.00
CA ILE B 168 12.27 -13.87 17.32
C ILE B 168 10.75 -14.05 17.32
N GLY B 169 10.16 -14.13 16.14
CA GLY B 169 8.72 -14.31 16.00
C GLY B 169 8.38 -15.70 15.47
N VAL B 170 7.43 -16.36 16.12
CA VAL B 170 6.89 -17.62 15.64
C VAL B 170 5.37 -17.56 15.55
N ALA B 171 4.82 -17.99 14.43
CA ALA B 171 3.37 -18.10 14.27
C ALA B 171 3.00 -19.43 13.66
N GLY B 172 1.92 -20.03 14.16
CA GLY B 172 1.12 -20.97 13.38
C GLY B 172 0.90 -22.28 14.13
N ALA B 173 1.35 -22.31 15.38
CA ALA B 173 1.06 -23.43 16.28
C ALA B 173 -0.35 -23.30 16.87
N PRO B 174 -0.81 -24.36 17.57
CA PRO B 174 -2.15 -24.40 18.15
C PRO B 174 -2.49 -23.16 18.99
N SER B 175 -1.50 -22.62 19.68
CA SER B 175 -1.66 -21.35 20.38
C SER B 175 -0.43 -20.46 20.24
N GLY B 176 -0.62 -19.17 20.47
CA GLY B 176 0.50 -18.23 20.51
C GLY B 176 1.45 -18.50 21.67
N ASP B 177 0.90 -19.02 22.77
CA ASP B 177 1.72 -19.43 23.90
C ASP B 177 2.70 -20.54 23.52
N LEU B 178 2.30 -21.39 22.59
CA LEU B 178 3.16 -22.46 22.11
C LEU B 178 4.15 -21.96 21.06
N ASP B 179 3.66 -21.09 20.17
CA ASP B 179 4.53 -20.26 19.34
C ASP B 179 5.71 -19.69 20.14
N GLU B 180 5.41 -19.10 21.29
CA GLU B 180 6.41 -18.35 22.05
C GLU B 180 7.39 -19.30 22.75
N GLN B 181 6.91 -20.48 23.12
CA GLN B 181 7.76 -21.53 23.63
C GLN B 181 8.82 -21.94 22.60
N TYR B 182 8.40 -22.07 21.35
CA TYR B 182 9.31 -22.38 20.26
C TYR B 182 10.24 -21.21 19.98
N ALA B 183 9.72 -20.00 20.13
CA ALA B 183 10.54 -18.79 20.01
C ALA B 183 11.64 -18.76 21.08
N ARG B 184 11.27 -19.06 22.32
CA ARG B 184 12.24 -19.15 23.41
C ARG B 184 13.31 -20.19 23.14
N ALA B 185 12.91 -21.32 22.57
CA ALA B 185 13.84 -22.37 22.20
C ALA B 185 14.76 -21.96 21.06
N GLY B 186 14.27 -21.07 20.20
CA GLY B 186 15.11 -20.40 19.21
C GLY B 186 16.15 -19.51 19.87
N ALA B 187 15.72 -18.73 20.86
CA ALA B 187 16.61 -17.81 21.55
C ALA B 187 17.64 -18.55 22.39
N ALA B 188 17.32 -19.78 22.75
CA ALA B 188 18.05 -20.49 23.81
C ALA B 188 19.38 -21.04 23.31
N VAL B 189 19.48 -21.24 21.99
CA VAL B 189 20.72 -21.72 21.39
C VAL B 189 21.72 -20.58 21.16
N LEU B 190 21.28 -19.35 21.42
CA LEU B 190 22.19 -18.23 21.60
C LEU B 190 22.57 -18.08 23.08
N GLY B 191 23.65 -17.35 23.34
CA GLY B 191 24.93 -17.57 22.66
C GLY B 191 25.43 -19.01 22.69
N HIS B 192 26.10 -19.38 23.78
CA HIS B 192 25.58 -19.11 25.12
C HIS B 192 26.44 -18.07 25.83
N VAL C 52 -16.04 -6.95 -29.91
CA VAL C 52 -16.85 -8.17 -29.63
C VAL C 52 -18.12 -7.82 -28.85
N ALA C 53 -19.27 -8.16 -29.43
CA ALA C 53 -20.53 -7.51 -29.09
C ALA C 53 -21.45 -8.46 -28.33
N ALA C 54 -21.74 -8.13 -27.07
CA ALA C 54 -22.67 -8.89 -26.27
C ALA C 54 -24.11 -8.41 -26.48
N ARG C 55 -25.04 -9.36 -26.54
CA ARG C 55 -26.46 -9.04 -26.64
C ARG C 55 -27.27 -9.81 -25.60
N GLY C 56 -28.57 -9.54 -25.56
CA GLY C 56 -29.16 -8.73 -24.49
C GLY C 56 -29.38 -9.53 -23.22
N GLY C 57 -29.34 -10.86 -23.35
CA GLY C 57 -29.69 -11.75 -22.25
C GLY C 57 -28.47 -12.17 -21.44
N GLU C 58 -27.38 -11.43 -21.58
CA GLU C 58 -26.28 -11.50 -20.64
C GLU C 58 -25.65 -10.13 -20.43
N LEU C 59 -26.31 -9.11 -20.96
CA LEU C 59 -26.20 -7.76 -20.43
C LEU C 59 -27.16 -7.50 -19.27
N THR C 60 -26.80 -6.52 -18.45
CA THR C 60 -27.64 -6.11 -17.32
C THR C 60 -27.40 -4.62 -17.03
N GLN C 61 -28.29 -4.04 -16.22
CA GLN C 61 -28.35 -2.59 -16.09
C GLN C 61 -28.20 -2.16 -14.63
N SER C 62 -27.63 -0.98 -14.41
CA SER C 62 -27.49 -0.43 -13.07
C SER C 62 -27.68 1.08 -13.07
N THR C 63 -28.17 1.61 -11.94
CA THR C 63 -28.63 2.99 -11.87
C THR C 63 -27.71 3.82 -10.98
N HIS C 64 -27.38 5.03 -11.43
CA HIS C 64 -26.46 5.89 -10.70
C HIS C 64 -26.99 7.32 -10.61
N LEU C 65 -26.60 8.04 -9.57
CA LEU C 65 -26.51 9.49 -9.64
C LEU C 65 -25.62 9.91 -10.80
N THR C 66 -26.10 10.86 -11.59
CA THR C 66 -25.23 11.62 -12.49
C THR C 66 -24.22 12.44 -11.71
N LEU C 67 -23.07 12.72 -12.32
CA LEU C 67 -22.08 13.61 -11.73
C LEU C 67 -22.69 14.96 -11.36
N GLU C 68 -23.48 15.52 -12.26
CA GLU C 68 -24.34 16.66 -11.95
C GLU C 68 -25.02 16.52 -10.58
N ALA C 69 -25.72 15.41 -10.39
CA ALA C 69 -26.56 15.23 -9.21
C ALA C 69 -25.72 15.03 -7.95
N ALA C 70 -24.60 14.32 -8.10
CA ALA C 70 -23.71 14.04 -6.98
C ALA C 70 -22.98 15.31 -6.53
N THR C 71 -22.64 16.16 -7.49
CA THR C 71 -21.91 17.39 -7.21
C THR C 71 -22.74 18.36 -6.39
N LYS C 72 -24.00 18.52 -6.76
CA LYS C 72 -24.88 19.48 -6.10
C LYS C 72 -25.45 18.94 -4.79
N ALA C 73 -25.37 17.62 -4.61
CA ALA C 73 -25.61 17.01 -3.31
C ALA C 73 -24.42 17.23 -2.38
N ALA C 74 -23.22 17.06 -2.92
CA ALA C 74 -21.99 17.28 -2.14
C ALA C 74 -21.86 18.73 -1.71
N ARG C 75 -22.12 19.66 -2.63
CA ARG C 75 -21.96 21.08 -2.37
C ARG C 75 -23.01 21.59 -1.39
N ALA C 76 -24.17 20.91 -1.36
CA ALA C 76 -25.21 21.21 -0.39
C ALA C 76 -24.79 20.83 1.02
N ALA C 77 -24.13 19.69 1.15
CA ALA C 77 -23.63 19.21 2.44
C ALA C 77 -22.57 20.16 3.00
N VAL C 78 -21.69 20.64 2.13
CA VAL C 78 -20.76 21.70 2.49
C VAL C 78 -21.50 22.94 2.98
N GLU C 79 -22.45 23.41 2.19
CA GLU C 79 -23.11 24.68 2.46
C GLU C 79 -23.89 24.64 3.77
N ALA C 80 -24.42 23.47 4.11
CA ALA C 80 -25.19 23.29 5.33
C ALA C 80 -24.26 23.18 6.53
N ALA C 81 -23.06 22.67 6.31
CA ALA C 81 -22.00 22.73 7.31
C ALA C 81 -21.57 24.17 7.58
N GLU C 82 -21.42 24.95 6.51
CA GLU C 82 -20.87 26.30 6.62
C GLU C 82 -21.91 27.28 7.17
N LYS C 83 -23.18 26.87 7.14
CA LYS C 83 -24.23 27.55 7.90
C LYS C 83 -23.86 27.70 9.36
N ASP C 84 -23.20 26.68 9.91
CA ASP C 84 -22.95 26.60 11.35
C ASP C 84 -21.51 26.99 11.69
N GLY C 85 -20.83 27.59 10.73
CA GLY C 85 -19.41 27.91 10.90
C GLY C 85 -18.54 26.68 10.98
N ARG C 86 -18.96 25.62 10.30
CA ARG C 86 -18.33 24.31 10.45
C ARG C 86 -17.63 23.89 9.16
N HIS C 87 -16.48 23.24 9.30
CA HIS C 87 -15.56 23.07 8.18
C HIS C 87 -15.28 21.60 7.92
N VAL C 88 -15.91 21.05 6.88
CA VAL C 88 -15.98 19.61 6.68
C VAL C 88 -15.33 19.20 5.36
N SER C 89 -15.09 17.91 5.19
CA SER C 89 -14.97 17.32 3.86
C SER C 89 -16.21 16.51 3.51
N VAL C 90 -16.55 16.50 2.22
CA VAL C 90 -17.68 15.71 1.72
C VAL C 90 -17.21 14.78 0.60
N ALA C 91 -17.75 13.57 0.59
CA ALA C 91 -17.54 12.65 -0.54
C ALA C 91 -18.86 12.00 -0.96
N VAL C 92 -19.01 11.80 -2.27
CA VAL C 92 -20.09 11.00 -2.80
C VAL C 92 -19.57 9.75 -3.49
N VAL C 93 -19.86 8.59 -2.92
CA VAL C 93 -19.38 7.31 -3.43
C VAL C 93 -20.53 6.53 -4.05
N ASP C 94 -20.30 6.00 -5.26
CA ASP C 94 -21.29 5.19 -5.96
C ASP C 94 -21.54 3.87 -5.23
N ARG C 95 -22.63 3.19 -5.58
CA ARG C 95 -22.90 1.85 -5.08
C ARG C 95 -21.84 0.84 -5.52
N ASN C 96 -21.09 1.18 -6.56
CA ASN C 96 -20.16 0.23 -7.16
C ASN C 96 -18.74 0.27 -6.57
N GLY C 97 -18.62 0.79 -5.35
CA GLY C 97 -18.44 2.22 -5.13
C GLY C 97 -17.05 2.72 -5.46
N ASN C 98 -16.87 3.16 -6.70
CA ASN C 98 -16.07 4.33 -7.02
C ASN C 98 -16.56 5.62 -6.37
N THR C 99 -15.62 6.46 -5.94
CA THR C 99 -15.91 7.84 -5.58
C THR C 99 -16.26 8.67 -6.80
N LEU C 100 -17.32 9.46 -6.70
CA LEU C 100 -17.76 10.32 -7.79
C LEU C 100 -17.37 11.77 -7.56
N VAL C 101 -17.56 12.24 -6.33
CA VAL C 101 -17.18 13.60 -5.95
C VAL C 101 -16.44 13.58 -4.62
N THR C 102 -15.35 14.36 -4.54
CA THR C 102 -14.84 14.82 -3.25
C THR C 102 -14.74 16.34 -3.19
N LEU C 103 -15.08 16.90 -2.03
CA LEU C 103 -14.81 18.31 -1.75
C LEU C 103 -14.16 18.47 -0.38
N ARG C 104 -12.98 19.09 -0.35
CA ARG C 104 -12.29 19.37 0.90
C ARG C 104 -12.59 20.79 1.39
N GLY C 105 -13.33 20.88 2.49
CA GLY C 105 -13.74 22.18 3.02
C GLY C 105 -12.56 23.08 3.34
N ASP C 106 -12.76 24.39 3.19
CA ASP C 106 -11.85 25.38 3.74
C ASP C 106 -11.66 25.17 5.24
N GLY C 107 -10.45 24.83 5.63
CA GLY C 107 -10.08 24.74 7.04
C GLY C 107 -10.54 23.46 7.70
N ALA C 108 -10.94 22.49 6.89
CA ALA C 108 -11.29 21.16 7.40
C ALA C 108 -10.06 20.43 7.90
N GLY C 109 -10.23 19.62 8.94
CA GLY C 109 -9.16 18.77 9.43
C GLY C 109 -8.63 17.85 8.36
N PRO C 110 -7.32 17.54 8.41
CA PRO C 110 -6.64 16.80 7.35
C PRO C 110 -7.08 15.34 7.31
N GLN C 111 -7.74 14.89 8.38
CA GLN C 111 -8.17 13.51 8.50
C GLN C 111 -9.50 13.27 7.78
N SER C 112 -10.21 14.35 7.49
CA SER C 112 -11.64 14.28 7.24
C SER C 112 -11.94 13.92 5.78
N TYR C 113 -10.97 14.21 4.91
CA TYR C 113 -11.07 13.87 3.50
C TYR C 113 -11.31 12.37 3.30
N GLU C 114 -10.39 11.57 3.79
CA GLU C 114 -10.50 10.11 3.67
C GLU C 114 -11.62 9.56 4.54
N SER C 115 -11.87 10.21 5.68
CA SER C 115 -12.93 9.81 6.58
C SER C 115 -14.31 9.89 5.93
N ALA C 116 -14.56 11.00 5.23
CA ALA C 116 -15.83 11.18 4.54
C ALA C 116 -16.01 10.19 3.39
N GLU C 117 -14.91 9.91 2.68
CA GLU C 117 -14.89 8.85 1.67
C GLU C 117 -15.40 7.53 2.23
N ARG C 118 -14.82 7.10 3.35
CA ARG C 118 -15.09 5.78 3.91
C ARG C 118 -16.50 5.68 4.51
N LYS C 119 -16.97 6.78 5.09
CA LYS C 119 -18.34 6.84 5.58
C LYS C 119 -19.36 6.67 4.46
N ALA C 120 -19.07 7.27 3.31
CA ALA C 120 -19.97 7.23 2.16
C ALA C 120 -19.97 5.84 1.52
N PHE C 121 -18.79 5.24 1.42
CA PHE C 121 -18.65 3.84 1.00
C PHE C 121 -19.44 2.92 1.91
N THR C 122 -19.33 3.15 3.22
CA THR C 122 -19.94 2.27 4.22
C THR C 122 -21.46 2.35 4.16
N ALA C 123 -21.98 3.56 3.95
CA ALA C 123 -23.41 3.80 3.97
C ALA C 123 -24.12 3.14 2.78
N VAL C 124 -23.51 3.25 1.60
CA VAL C 124 -24.10 2.69 0.38
C VAL C 124 -23.92 1.17 0.32
N SER C 125 -22.94 0.65 1.05
CA SER C 125 -22.63 -0.77 1.03
C SER C 125 -23.72 -1.58 1.74
N TRP C 126 -24.38 -0.96 2.72
CA TRP C 126 -25.36 -1.65 3.54
C TRP C 126 -26.74 -1.00 3.46
N ASN C 127 -26.84 0.06 2.67
CA ASN C 127 -28.08 0.83 2.54
C ASN C 127 -28.63 1.29 3.89
N ALA C 128 -27.76 1.87 4.72
CA ALA C 128 -28.16 2.49 5.97
C ALA C 128 -27.21 3.62 6.31
N PRO C 129 -27.67 4.60 7.12
CA PRO C 129 -26.77 5.60 7.68
C PRO C 129 -25.74 4.97 8.62
N THR C 130 -24.54 5.55 8.67
CA THR C 130 -23.42 4.95 9.40
C THR C 130 -23.63 5.02 10.91
N SER C 131 -24.43 6.00 11.35
CA SER C 131 -24.88 6.06 12.74
C SER C 131 -25.67 4.81 13.13
N GLU C 132 -26.55 4.38 12.23
CA GLU C 132 -27.29 3.14 12.40
C GLU C 132 -26.34 1.94 12.37
N LEU C 133 -25.40 1.96 11.43
CA LEU C 133 -24.50 0.83 11.21
C LEU C 133 -23.53 0.65 12.39
N ALA C 134 -23.15 1.76 13.01
CA ALA C 134 -22.23 1.73 14.14
C ALA C 134 -22.77 0.90 15.29
N LYS C 135 -24.09 0.92 15.45
CA LYS C 135 -24.76 0.26 16.57
C LYS C 135 -24.83 -1.25 16.37
N ARG C 136 -24.50 -1.71 15.16
CA ARG C 136 -24.50 -3.13 14.85
C ARG C 136 -23.28 -3.84 15.44
N LEU C 137 -22.31 -3.05 15.89
CA LEU C 137 -21.01 -3.59 16.30
C LEU C 137 -21.06 -4.17 17.71
N ALA C 138 -22.12 -3.88 18.43
CA ALA C 138 -22.38 -4.52 19.72
C ALA C 138 -22.59 -6.02 19.55
N GLN C 139 -23.33 -6.41 18.51
CA GLN C 139 -23.64 -7.80 18.24
C GLN C 139 -22.60 -8.43 17.32
N ALA C 140 -22.08 -7.64 16.39
CA ALA C 140 -21.17 -8.16 15.37
C ALA C 140 -19.92 -7.29 15.25
N PRO C 141 -19.01 -7.40 16.25
CA PRO C 141 -17.93 -6.43 16.43
C PRO C 141 -16.90 -6.43 15.31
N THR C 142 -16.84 -7.50 14.51
CA THR C 142 -15.83 -7.64 13.48
C THR C 142 -16.30 -7.11 12.12
N LEU C 143 -17.51 -6.56 12.08
CA LEU C 143 -18.00 -5.86 10.90
C LEU C 143 -17.04 -4.74 10.49
N LYS C 144 -16.41 -4.12 11.48
CA LYS C 144 -15.53 -2.98 11.23
C LYS C 144 -14.18 -3.42 10.65
N ASP C 145 -13.97 -4.73 10.56
CA ASP C 145 -12.72 -5.27 10.02
C ASP C 145 -12.82 -5.53 8.52
N ILE C 146 -14.00 -5.30 7.97
CA ILE C 146 -14.19 -5.30 6.52
C ILE C 146 -13.47 -4.10 5.89
N PRO C 147 -12.55 -4.37 4.96
CA PRO C 147 -11.74 -3.33 4.33
C PRO C 147 -12.59 -2.24 3.70
N GLY C 148 -12.18 -0.99 3.87
CA GLY C 148 -12.80 0.13 3.18
C GLY C 148 -13.81 0.86 4.05
N THR C 149 -14.23 0.22 5.13
CA THR C 149 -15.40 0.67 5.89
C THR C 149 -15.01 1.62 7.01
N LEU C 150 -15.94 2.49 7.40
CA LEU C 150 -15.81 3.26 8.62
C LEU C 150 -17.17 3.41 9.30
N PHE C 151 -17.33 2.75 10.45
CA PHE C 151 -18.62 2.64 11.11
C PHE C 151 -18.81 3.78 12.11
N LEU C 152 -19.11 4.97 11.60
CA LEU C 152 -19.05 6.19 12.38
C LEU C 152 -19.89 7.27 11.70
N ALA C 153 -20.77 7.90 12.48
CA ALA C 153 -21.85 8.70 11.93
C ALA C 153 -21.32 9.76 10.98
N GLY C 154 -22.06 10.01 9.91
CA GLY C 154 -21.66 11.01 8.92
C GLY C 154 -21.88 10.56 7.49
N GLY C 155 -22.20 9.29 7.31
CA GLY C 155 -22.59 8.77 6.00
C GLY C 155 -24.07 8.45 5.90
N THR C 156 -24.68 8.82 4.78
CA THR C 156 -26.10 8.52 4.54
C THR C 156 -26.34 8.08 3.10
N PRO C 157 -27.16 7.03 2.92
CA PRO C 157 -27.40 6.45 1.61
C PRO C 157 -28.39 7.27 0.77
N VAL C 158 -28.16 7.29 -0.54
CA VAL C 158 -29.17 7.73 -1.50
C VAL C 158 -29.68 6.57 -2.33
N THR C 159 -30.99 6.50 -2.51
CA THR C 159 -31.62 5.35 -3.17
C THR C 159 -32.27 5.73 -4.49
N ALA C 160 -32.55 4.72 -5.33
CA ALA C 160 -33.38 4.92 -6.51
C ALA C 160 -34.30 3.71 -6.75
N LYS C 161 -35.58 3.99 -6.90
CA LYS C 161 -36.64 3.12 -6.38
C LYS C 161 -36.10 2.13 -5.35
N GLY C 162 -35.77 2.63 -4.17
CA GLY C 162 -35.59 1.78 -3.00
C GLY C 162 -34.17 1.27 -2.87
N ALA C 163 -33.56 0.96 -4.01
CA ALA C 163 -32.24 0.35 -4.04
C ALA C 163 -31.14 1.40 -3.97
N PRO C 164 -30.07 1.13 -3.20
CA PRO C 164 -29.01 2.11 -2.94
C PRO C 164 -28.14 2.36 -4.17
N VAL C 165 -27.89 3.63 -4.47
CA VAL C 165 -27.15 4.00 -5.67
C VAL C 165 -25.94 4.89 -5.35
N ALA C 166 -26.02 5.60 -4.23
CA ALA C 166 -24.89 6.41 -3.77
C ALA C 166 -24.83 6.48 -2.25
N GLY C 167 -23.66 6.83 -1.72
CA GLY C 167 -23.54 7.32 -0.35
C GLY C 167 -22.98 8.73 -0.30
N ILE C 168 -23.56 9.57 0.55
CA ILE C 168 -22.94 10.84 0.91
C ILE C 168 -22.26 10.75 2.28
N GLY C 169 -20.97 11.04 2.30
CA GLY C 169 -20.21 11.05 3.54
C GLY C 169 -19.74 12.44 3.92
N VAL C 170 -19.90 12.80 5.19
CA VAL C 170 -19.35 14.04 5.72
C VAL C 170 -18.47 13.75 6.92
N ALA C 171 -17.36 14.49 7.04
CA ALA C 171 -16.45 14.35 8.17
C ALA C 171 -15.93 15.71 8.61
N GLY C 172 -15.90 15.93 9.92
CA GLY C 172 -14.93 16.84 10.52
C GLY C 172 -15.63 17.95 11.29
N ALA C 173 -16.94 17.79 11.46
CA ALA C 173 -17.69 18.56 12.46
C ALA C 173 -17.33 18.12 13.89
N PRO C 174 -17.74 18.92 14.89
CA PRO C 174 -17.64 18.55 16.30
C PRO C 174 -18.11 17.14 16.62
N SER C 175 -19.12 16.65 15.90
CA SER C 175 -19.60 15.29 16.10
C SER C 175 -19.96 14.62 14.77
N GLY C 176 -19.94 13.29 14.77
CA GLY C 176 -20.41 12.51 13.63
C GLY C 176 -21.90 12.64 13.39
N ASP C 177 -22.65 12.84 14.46
CA ASP C 177 -24.09 13.08 14.37
C ASP C 177 -24.38 14.37 13.60
N LEU C 178 -23.55 15.39 13.80
CA LEU C 178 -23.66 16.63 13.04
C LEU C 178 -23.17 16.46 11.61
N ASP C 179 -22.11 15.68 11.44
CA ASP C 179 -21.66 15.24 10.12
C ASP C 179 -22.82 14.67 9.31
N GLU C 180 -23.60 13.78 9.94
CA GLU C 180 -24.66 13.07 9.24
C GLU C 180 -25.85 13.97 8.93
N GLN C 181 -26.06 14.97 9.77
CA GLN C 181 -27.11 15.96 9.53
C GLN C 181 -26.81 16.78 8.28
N TYR C 182 -25.56 17.19 8.12
CA TYR C 182 -25.11 17.86 6.91
C TYR C 182 -25.19 16.94 5.71
N ALA C 183 -24.95 15.64 5.94
CA ALA C 183 -25.04 14.65 4.87
C ALA C 183 -26.48 14.46 4.39
N ARG C 184 -27.41 14.49 5.33
CA ARG C 184 -28.84 14.44 5.00
C ARG C 184 -29.28 15.71 4.28
N ALA C 185 -28.71 16.85 4.69
CA ALA C 185 -28.94 18.12 4.01
C ALA C 185 -28.30 18.14 2.61
N GLY C 186 -27.28 17.31 2.42
CA GLY C 186 -26.80 16.98 1.09
C GLY C 186 -27.81 16.22 0.25
N ALA C 187 -28.36 15.15 0.83
CA ALA C 187 -29.25 14.26 0.09
C ALA C 187 -30.63 14.87 -0.11
N ALA C 188 -30.89 15.98 0.59
CA ALA C 188 -32.22 16.56 0.65
C ALA C 188 -32.54 17.39 -0.58
N VAL C 189 -31.50 17.81 -1.31
CA VAL C 189 -31.68 18.56 -2.55
C VAL C 189 -31.93 17.63 -3.73
N LEU C 190 -31.72 16.34 -3.51
CA LEU C 190 -32.30 15.30 -4.36
C LEU C 190 -33.65 14.85 -3.82
N GLY C 191 -34.42 14.16 -4.66
CA GLY C 191 -34.42 14.39 -6.10
C GLY C 191 -35.39 15.47 -6.56
N HIS C 192 -36.10 16.07 -5.61
CA HIS C 192 -37.28 15.46 -5.02
C HIS C 192 -38.38 15.29 -6.07
N VAL D 52 -1.77 31.86 -15.73
CA VAL D 52 -3.19 31.99 -15.32
C VAL D 52 -3.32 32.29 -13.83
N ALA D 53 -3.68 33.52 -13.51
CA ALA D 53 -3.59 34.02 -12.14
C ALA D 53 -4.98 34.32 -11.56
N ALA D 54 -5.21 33.87 -10.33
CA ALA D 54 -6.43 34.21 -9.60
C ALA D 54 -6.20 35.39 -8.66
N ARG D 55 -7.12 36.34 -8.67
CA ARG D 55 -7.21 37.36 -7.63
C ARG D 55 -8.48 37.20 -6.81
N GLY D 56 -8.81 38.22 -6.02
CA GLY D 56 -8.41 38.27 -4.62
C GLY D 56 -9.22 37.31 -3.77
N GLY D 57 -10.49 37.13 -4.13
CA GLY D 57 -11.49 36.67 -3.18
C GLY D 57 -11.93 35.25 -3.50
N GLU D 58 -11.30 34.66 -4.50
CA GLU D 58 -11.16 33.21 -4.59
C GLU D 58 -9.78 32.72 -4.18
N LEU D 59 -8.98 33.60 -3.56
CA LEU D 59 -7.90 33.17 -2.69
C LEU D 59 -8.31 33.12 -1.22
N THR D 60 -7.65 32.26 -0.46
CA THR D 60 -7.65 32.35 1.00
C THR D 60 -6.27 32.06 1.59
N GLN D 61 -6.07 32.44 2.84
CA GLN D 61 -4.79 32.21 3.52
C GLN D 61 -4.90 31.06 4.52
N SER D 62 -3.75 30.47 4.85
CA SER D 62 -3.64 29.65 6.06
C SER D 62 -2.31 29.89 6.77
N THR D 63 -2.34 29.78 8.09
CA THR D 63 -1.15 30.02 8.91
C THR D 63 -0.41 28.72 9.20
N HIS D 64 0.92 28.79 9.21
CA HIS D 64 1.75 27.62 9.48
C HIS D 64 2.88 27.97 10.44
N LEU D 65 3.43 26.96 11.10
CA LEU D 65 4.83 26.99 11.52
C LEU D 65 5.76 27.12 10.32
N THR D 66 6.84 27.89 10.50
CA THR D 66 8.01 27.74 9.64
C THR D 66 8.80 26.49 9.99
N LEU D 67 9.64 26.05 9.07
CA LEU D 67 10.56 24.93 9.32
C LEU D 67 11.47 25.22 10.50
N GLU D 68 11.98 26.44 10.57
CA GLU D 68 12.80 26.88 11.71
C GLU D 68 12.08 26.64 13.04
N ALA D 69 10.80 27.03 13.10
CA ALA D 69 9.98 26.83 14.29
C ALA D 69 9.78 25.35 14.57
N ALA D 70 9.35 24.62 13.54
CA ALA D 70 9.03 23.20 13.67
C ALA D 70 10.25 22.39 14.08
N THR D 71 11.41 22.76 13.54
CA THR D 71 12.66 22.10 13.90
C THR D 71 13.03 22.37 15.36
N LYS D 72 12.96 23.64 15.76
CA LYS D 72 13.28 24.02 17.13
C LYS D 72 12.41 23.29 18.13
N ALA D 73 11.10 23.28 17.87
CA ALA D 73 10.15 22.54 18.69
C ALA D 73 10.52 21.06 18.79
N ALA D 74 10.82 20.45 17.65
CA ALA D 74 11.07 19.02 17.59
C ALA D 74 12.36 18.65 18.33
N ARG D 75 13.40 19.46 18.14
CA ARG D 75 14.71 19.20 18.74
C ARG D 75 14.68 19.39 20.24
N ALA D 76 13.85 20.33 20.71
CA ALA D 76 13.60 20.50 22.13
C ALA D 76 12.92 19.28 22.74
N ALA D 77 11.99 18.69 22.00
CA ALA D 77 11.29 17.49 22.46
C ALA D 77 12.26 16.32 22.66
N VAL D 78 13.14 16.12 21.68
CA VAL D 78 14.25 15.18 21.83
C VAL D 78 15.12 15.53 23.04
N GLU D 79 15.56 16.78 23.11
CA GLU D 79 16.38 17.26 24.21
C GLU D 79 15.75 16.94 25.56
N ALA D 80 14.44 17.16 25.67
CA ALA D 80 13.71 16.90 26.91
C ALA D 80 13.75 15.42 27.28
N ALA D 81 13.62 14.56 26.27
CA ALA D 81 13.62 13.12 26.48
C ALA D 81 15.01 12.60 26.85
N GLU D 82 16.02 13.07 26.13
CA GLU D 82 17.39 12.61 26.33
C GLU D 82 17.94 13.03 27.69
N LYS D 83 17.36 14.11 28.25
CA LYS D 83 17.70 14.56 29.60
C LYS D 83 17.32 13.53 30.65
N ASP D 84 16.29 12.74 30.36
CA ASP D 84 15.84 11.69 31.27
C ASP D 84 16.44 10.33 30.90
N GLY D 85 17.33 10.33 29.93
CA GLY D 85 17.84 9.09 29.35
C GLY D 85 16.78 8.33 28.57
N ARG D 86 15.84 9.06 27.99
CA ARG D 86 14.81 8.45 27.15
C ARG D 86 15.13 8.65 25.68
N HIS D 87 14.76 7.65 24.87
CA HIS D 87 15.09 7.64 23.46
C HIS D 87 13.84 7.56 22.60
N VAL D 88 13.52 8.67 21.94
CA VAL D 88 12.23 8.84 21.29
C VAL D 88 12.40 9.21 19.82
N SER D 89 11.34 9.02 19.05
CA SER D 89 11.18 9.74 17.79
C SER D 89 10.22 10.91 17.95
N VAL D 90 10.42 11.96 17.16
CA VAL D 90 9.56 13.14 17.20
C VAL D 90 9.12 13.53 15.79
N ALA D 91 7.83 13.85 15.65
CA ALA D 91 7.32 14.40 14.41
C ALA D 91 6.59 15.72 14.65
N VAL D 92 6.78 16.68 13.76
CA VAL D 92 5.88 17.81 13.64
C VAL D 92 5.08 17.71 12.35
N VAL D 93 3.76 17.56 12.49
CA VAL D 93 2.87 17.50 11.34
C VAL D 93 2.04 18.77 11.25
N ASP D 94 1.95 19.33 10.04
CA ASP D 94 1.21 20.57 9.81
C ASP D 94 -0.29 20.35 9.96
N ARG D 95 -1.05 21.44 9.91
CA ARG D 95 -2.51 21.37 9.94
C ARG D 95 -3.07 20.80 8.62
N ASN D 96 -2.28 20.90 7.56
CA ASN D 96 -2.73 20.45 6.24
C ASN D 96 -2.52 18.95 6.00
N GLY D 97 -2.34 18.19 7.07
CA GLY D 97 -1.03 17.94 7.65
C GLY D 97 -0.15 17.02 6.81
N ASN D 98 0.65 17.61 5.93
CA ASN D 98 2.03 17.19 5.73
C ASN D 98 2.87 17.11 7.00
N THR D 99 3.72 16.10 7.07
CA THR D 99 4.83 16.08 8.03
C THR D 99 5.90 17.10 7.64
N LEU D 100 6.29 17.93 8.62
CA LEU D 100 7.27 18.98 8.38
C LEU D 100 8.66 18.59 8.85
N VAL D 101 8.74 18.01 10.05
CA VAL D 101 9.99 17.49 10.59
C VAL D 101 9.77 16.10 11.18
N THR D 102 10.72 15.19 10.92
CA THR D 102 10.90 14.01 11.77
C THR D 102 12.32 13.91 12.32
N LEU D 103 12.44 13.46 13.57
CA LEU D 103 13.72 13.08 14.14
C LEU D 103 13.64 11.71 14.80
N ARG D 104 14.48 10.78 14.36
CA ARG D 104 14.57 9.47 14.99
C ARG D 104 15.73 9.40 15.98
N GLY D 105 15.39 9.24 17.26
CA GLY D 105 16.38 9.26 18.34
C GLY D 105 17.35 8.10 18.28
N ASP D 106 18.60 8.37 18.66
CA ASP D 106 19.57 7.31 18.95
C ASP D 106 18.99 6.28 19.91
N GLY D 107 18.67 5.10 19.37
CA GLY D 107 18.28 3.97 20.21
C GLY D 107 16.79 3.89 20.44
N ALA D 108 16.04 4.78 19.77
CA ALA D 108 14.58 4.69 19.74
C ALA D 108 14.13 3.38 19.14
N GLY D 109 13.09 2.78 19.73
CA GLY D 109 12.42 1.64 19.15
C GLY D 109 11.98 1.89 17.72
N PRO D 110 12.02 0.86 16.88
CA PRO D 110 11.78 0.99 15.43
C PRO D 110 10.35 1.39 15.13
N GLN D 111 9.45 1.15 16.09
CA GLN D 111 8.03 1.42 15.92
C GLN D 111 7.72 2.91 16.15
N SER D 112 8.63 3.60 16.82
CA SER D 112 8.32 4.90 17.41
C SER D 112 8.25 6.00 16.34
N TYR D 113 8.88 5.74 15.20
CA TYR D 113 8.99 6.73 14.14
C TYR D 113 7.62 7.05 13.55
N GLU D 114 6.94 6.02 13.07
CA GLU D 114 5.61 6.16 12.48
C GLU D 114 4.57 6.50 13.54
N SER D 115 4.78 6.00 14.75
CA SER D 115 3.89 6.29 15.87
C SER D 115 3.84 7.77 16.18
N ALA D 116 5.00 8.41 16.25
CA ALA D 116 5.09 9.84 16.55
C ALA D 116 4.46 10.68 15.45
N GLU D 117 4.64 10.25 14.20
CA GLU D 117 3.99 10.88 13.06
C GLU D 117 2.47 10.92 13.22
N ARG D 118 1.90 9.80 13.62
CA ARG D 118 0.45 9.64 13.66
C ARG D 118 -0.16 10.34 14.87
N LYS D 119 0.57 10.33 15.98
CA LYS D 119 0.19 11.10 17.16
C LYS D 119 0.12 12.60 16.84
N ALA D 120 1.12 13.09 16.12
CA ALA D 120 1.15 14.49 15.70
C ALA D 120 -0.01 14.80 14.76
N PHE D 121 -0.26 13.90 13.81
CA PHE D 121 -1.39 14.02 12.90
C PHE D 121 -2.72 14.09 13.63
N THR D 122 -2.85 13.29 14.69
CA THR D 122 -4.11 13.16 15.40
C THR D 122 -4.38 14.38 16.29
N ALA D 123 -3.32 14.88 16.92
CA ALA D 123 -3.41 16.04 17.78
C ALA D 123 -3.83 17.29 17.00
N VAL D 124 -3.24 17.48 15.83
CA VAL D 124 -3.51 18.65 15.02
C VAL D 124 -4.92 18.60 14.42
N SER D 125 -5.41 17.38 14.20
CA SER D 125 -6.65 17.16 13.47
C SER D 125 -7.86 17.67 14.26
N TRP D 126 -7.81 17.53 15.57
CA TRP D 126 -8.93 17.87 16.44
C TRP D 126 -8.55 18.92 17.48
N ASN D 127 -7.39 19.54 17.28
CA ASN D 127 -6.90 20.59 18.17
C ASN D 127 -6.96 20.19 19.65
N ALA D 128 -6.42 19.02 19.96
CA ALA D 128 -6.41 18.51 21.33
C ALA D 128 -5.27 17.51 21.52
N PRO D 129 -4.75 17.40 22.75
CA PRO D 129 -3.82 16.34 23.10
C PRO D 129 -4.42 14.95 22.90
N THR D 130 -3.62 14.05 22.34
CA THR D 130 -4.09 12.70 22.02
C THR D 130 -4.48 11.91 23.27
N SER D 131 -3.89 12.26 24.41
CA SER D 131 -4.27 11.68 25.68
C SER D 131 -5.74 11.98 26.03
N GLU D 132 -6.14 13.24 25.84
CA GLU D 132 -7.54 13.62 25.92
C GLU D 132 -8.38 12.97 24.83
N LEU D 133 -7.85 12.93 23.62
CA LEU D 133 -8.58 12.38 22.47
C LEU D 133 -8.86 10.90 22.66
N ALA D 134 -7.98 10.21 23.37
CA ALA D 134 -8.14 8.78 23.62
C ALA D 134 -9.35 8.49 24.53
N LYS D 135 -9.78 9.50 25.27
CA LYS D 135 -10.89 9.32 26.21
C LYS D 135 -12.24 9.46 25.51
N ARG D 136 -12.22 9.91 24.26
CA ARG D 136 -13.41 9.96 23.42
C ARG D 136 -13.83 8.57 22.96
N LEU D 137 -12.93 7.59 23.07
CA LEU D 137 -13.13 6.28 22.48
C LEU D 137 -14.13 5.44 23.28
N ALA D 138 -14.30 5.77 24.55
CA ALA D 138 -15.28 5.11 25.40
C ALA D 138 -16.69 5.22 24.82
N GLN D 139 -17.05 6.41 24.36
CA GLN D 139 -18.39 6.66 23.85
C GLN D 139 -18.46 6.64 22.32
N ALA D 140 -17.31 6.76 21.67
CA ALA D 140 -17.25 6.67 20.21
C ALA D 140 -16.03 5.87 19.73
N PRO D 141 -16.08 4.54 19.91
CA PRO D 141 -14.89 3.68 19.80
C PRO D 141 -14.34 3.56 18.38
N THR D 142 -15.12 3.96 17.38
CA THR D 142 -14.70 3.80 15.99
C THR D 142 -14.01 5.05 15.45
N LEU D 143 -13.75 6.00 16.34
CA LEU D 143 -12.92 7.15 16.01
C LEU D 143 -11.51 6.74 15.63
N LYS D 144 -11.03 5.62 16.20
CA LYS D 144 -9.69 5.14 15.92
C LYS D 144 -9.62 4.39 14.59
N ASP D 145 -10.77 4.19 13.96
CA ASP D 145 -10.82 3.58 12.64
C ASP D 145 -10.68 4.62 11.53
N ILE D 146 -10.69 5.90 11.90
CA ILE D 146 -10.34 6.97 10.99
C ILE D 146 -8.87 6.86 10.56
N PRO D 147 -8.64 6.76 9.23
CA PRO D 147 -7.31 6.52 8.67
C PRO D 147 -6.28 7.55 9.11
N GLY D 148 -5.09 7.08 9.47
CA GLY D 148 -3.96 7.97 9.71
C GLY D 148 -3.82 8.39 11.16
N THR D 149 -4.76 7.94 12.00
CA THR D 149 -4.84 8.40 13.38
C THR D 149 -4.19 7.41 14.35
N LEU D 150 -3.73 7.92 15.49
CA LEU D 150 -3.30 7.08 16.60
C LEU D 150 -3.70 7.71 17.92
N PHE D 151 -4.76 7.18 18.51
CA PHE D 151 -5.36 7.76 19.71
C PHE D 151 -4.60 7.32 20.96
N LEU D 152 -3.38 7.84 21.10
CA LEU D 152 -2.45 7.38 22.12
C LEU D 152 -1.59 8.55 22.58
N ALA D 153 -1.44 8.68 23.89
CA ALA D 153 -0.80 9.85 24.47
C ALA D 153 0.58 10.10 23.87
N GLY D 154 0.89 11.37 23.61
CA GLY D 154 2.18 11.74 23.03
C GLY D 154 2.06 12.74 21.89
N GLY D 155 0.84 13.04 21.48
CA GLY D 155 0.59 14.12 20.54
C GLY D 155 -0.02 15.34 21.19
N THR D 156 0.42 16.53 20.78
CA THR D 156 -0.04 17.78 21.37
C THR D 156 -0.06 18.92 20.35
N PRO D 157 -1.16 19.67 20.30
CA PRO D 157 -1.39 20.65 19.23
C PRO D 157 -0.64 21.96 19.47
N VAL D 158 -0.21 22.61 18.39
CA VAL D 158 0.23 23.99 18.44
C VAL D 158 -0.77 24.89 17.73
N THR D 159 -0.97 26.09 18.27
CA THR D 159 -2.07 26.95 17.85
C THR D 159 -1.55 28.29 17.32
N ALA D 160 -2.38 28.95 16.51
CA ALA D 160 -2.11 30.32 16.12
C ALA D 160 -3.42 31.12 16.01
N LYS D 161 -3.45 32.28 16.69
CA LYS D 161 -4.67 32.79 17.31
C LYS D 161 -5.77 31.74 17.40
N GLY D 162 -5.54 30.72 18.22
CA GLY D 162 -6.62 29.86 18.70
C GLY D 162 -6.80 28.66 17.79
N ALA D 163 -6.53 28.84 16.51
CA ALA D 163 -6.67 27.78 15.51
C ALA D 163 -5.42 26.92 15.43
N PRO D 164 -5.60 25.59 15.30
CA PRO D 164 -4.49 24.64 15.23
C PRO D 164 -3.67 24.82 13.94
N VAL D 165 -2.35 24.77 14.08
CA VAL D 165 -1.45 24.94 12.94
C VAL D 165 -0.46 23.80 12.80
N ALA D 166 -0.11 23.17 13.92
CA ALA D 166 0.77 22.01 13.90
C ALA D 166 0.46 21.04 15.05
N GLY D 167 0.87 19.78 14.87
CA GLY D 167 0.92 18.84 15.99
C GLY D 167 2.34 18.38 16.27
N ILE D 168 2.68 18.30 17.56
CA ILE D 168 3.93 17.68 17.99
C ILE D 168 3.68 16.25 18.46
N GLY D 169 4.41 15.30 17.89
CA GLY D 169 4.22 13.89 18.20
C GLY D 169 5.49 13.24 18.69
N VAL D 170 5.40 12.57 19.83
CA VAL D 170 6.55 11.89 20.43
C VAL D 170 6.18 10.45 20.76
N ALA D 171 7.07 9.51 20.45
CA ALA D 171 6.84 8.11 20.75
C ALA D 171 8.10 7.44 21.27
N GLY D 172 7.97 6.73 22.38
CA GLY D 172 8.78 5.54 22.65
C GLY D 172 9.54 5.68 23.95
N ALA D 173 9.22 6.72 24.71
CA ALA D 173 9.26 6.69 26.17
C ALA D 173 8.50 5.49 26.75
N PRO D 174 8.83 5.13 28.02
CA PRO D 174 8.19 4.01 28.72
C PRO D 174 6.68 4.14 28.83
N SER D 175 6.17 5.36 28.83
CA SER D 175 4.73 5.59 28.67
C SER D 175 4.43 6.66 27.64
N GLY D 176 3.22 6.63 27.08
CA GLY D 176 2.72 7.73 26.28
C GLY D 176 2.54 9.02 27.06
N ASP D 177 2.23 8.90 28.35
CA ASP D 177 2.15 10.05 29.24
C ASP D 177 3.48 10.79 29.32
N LEU D 178 4.57 10.02 29.36
CA LEU D 178 5.91 10.58 29.31
C LEU D 178 6.22 11.18 27.94
N ASP D 179 5.77 10.51 26.90
CA ASP D 179 5.87 11.03 25.53
C ASP D 179 5.25 12.42 25.42
N GLU D 180 4.04 12.58 25.94
CA GLU D 180 3.30 13.83 25.83
C GLU D 180 3.92 14.92 26.69
N GLN D 181 4.55 14.51 27.78
CA GLN D 181 5.43 15.39 28.55
C GLN D 181 6.50 16.04 27.67
N TYR D 182 7.19 15.22 26.89
CA TYR D 182 8.25 15.69 26.02
C TYR D 182 7.69 16.44 24.82
N ALA D 183 6.50 16.04 24.39
CA ALA D 183 5.79 16.73 23.31
C ALA D 183 5.40 18.14 23.71
N ARG D 184 4.89 18.28 24.94
CA ARG D 184 4.55 19.60 25.48
C ARG D 184 5.78 20.46 25.69
N ALA D 185 6.87 19.84 26.13
CA ALA D 185 8.13 20.53 26.33
C ALA D 185 8.72 21.03 25.01
N GLY D 186 8.47 20.28 23.94
CA GLY D 186 8.82 20.71 22.60
C GLY D 186 8.01 21.90 22.13
N ALA D 187 6.71 21.89 22.46
CA ALA D 187 5.83 23.00 22.11
C ALA D 187 6.07 24.22 22.99
N ALA D 188 6.74 23.99 24.12
CA ALA D 188 6.89 25.02 25.15
C ALA D 188 7.90 26.09 24.73
N VAL D 189 8.80 25.73 23.83
CA VAL D 189 9.80 26.67 23.33
C VAL D 189 9.23 27.55 22.22
N LEU D 190 8.05 27.19 21.73
CA LEU D 190 7.26 28.07 20.88
C LEU D 190 6.37 29.01 21.71
N GLY D 191 5.72 29.96 21.04
CA GLY D 191 6.39 30.87 20.12
C GLY D 191 7.85 31.14 20.48
N HIS D 192 8.07 31.76 21.63
CA HIS D 192 7.21 32.83 22.11
C HIS D 192 8.02 34.13 22.28
N VAL E 52 -1.46 26.47 23.35
CA VAL E 52 -0.01 26.81 23.33
C VAL E 52 0.40 27.40 21.98
N ALA E 53 0.76 28.68 21.99
CA ALA E 53 0.48 29.57 20.86
C ALA E 53 1.77 30.20 20.36
N ALA E 54 2.23 29.75 19.19
CA ALA E 54 3.09 30.55 18.32
C ALA E 54 2.48 31.92 18.01
N ARG E 55 3.29 32.97 18.11
CA ARG E 55 3.25 34.07 17.16
C ARG E 55 4.65 34.63 16.88
N GLY E 56 4.70 35.84 16.31
CA GLY E 56 4.30 36.05 14.92
C GLY E 56 5.34 35.60 13.92
N GLY E 57 6.58 35.52 14.36
CA GLY E 57 7.74 35.63 13.47
C GLY E 57 8.32 34.28 13.16
N GLU E 58 7.68 33.23 13.67
CA GLU E 58 7.89 31.87 13.18
C GLU E 58 6.55 31.21 12.85
N LEU E 59 5.49 32.01 12.84
CA LEU E 59 4.41 31.83 11.88
C LEU E 59 4.79 32.26 10.46
N THR E 60 4.17 31.61 9.47
CA THR E 60 4.17 32.12 8.11
C THR E 60 2.82 31.88 7.44
N GLN E 61 2.61 32.51 6.29
CA GLN E 61 1.36 32.35 5.54
C GLN E 61 1.59 31.60 4.24
N SER E 62 0.53 30.98 3.71
CA SER E 62 0.51 30.55 2.32
C SER E 62 -0.87 30.77 1.70
N THR E 63 -0.91 30.82 0.37
CA THR E 63 -2.12 31.21 -0.35
C THR E 63 -2.72 30.02 -1.10
N HIS E 64 -4.03 29.90 -1.04
CA HIS E 64 -4.73 28.80 -1.70
C HIS E 64 -5.96 29.31 -2.44
N LEU E 65 -6.38 28.58 -3.47
CA LEU E 65 -7.77 28.58 -3.90
C LEU E 65 -8.69 28.20 -2.74
N THR E 66 -9.82 28.89 -2.63
CA THR E 66 -10.95 28.40 -1.86
C THR E 66 -11.53 27.13 -2.50
N LEU E 67 -12.27 26.36 -1.71
CA LEU E 67 -13.04 25.24 -2.23
C LEU E 67 -14.05 25.71 -3.27
N GLU E 68 -14.70 26.84 -3.00
CA GLU E 68 -15.61 27.47 -3.95
C GLU E 68 -14.93 27.74 -5.28
N ALA E 69 -13.73 28.32 -5.22
CA ALA E 69 -12.93 28.58 -6.42
C ALA E 69 -12.63 27.28 -7.17
N ALA E 70 -12.15 26.28 -6.43
CA ALA E 70 -11.63 25.06 -7.04
C ALA E 70 -12.75 24.22 -7.66
N THR E 71 -13.91 24.23 -7.01
CA THR E 71 -15.08 23.55 -7.53
C THR E 71 -15.57 24.20 -8.82
N LYS E 72 -15.59 25.53 -8.83
CA LYS E 72 -15.94 26.29 -10.02
C LYS E 72 -15.02 25.97 -11.19
N ALA E 73 -13.72 25.87 -10.90
CA ALA E 73 -12.74 25.52 -11.91
C ALA E 73 -12.89 24.09 -12.40
N ALA E 74 -13.21 23.18 -11.48
CA ALA E 74 -13.35 21.77 -11.81
C ALA E 74 -14.57 21.53 -12.70
N ARG E 75 -15.69 22.14 -12.34
CA ARG E 75 -16.96 21.88 -13.01
C ARG E 75 -16.98 22.48 -14.42
N ALA E 76 -16.24 23.57 -14.59
CA ALA E 76 -16.10 24.19 -15.90
C ALA E 76 -15.23 23.36 -16.84
N ALA E 77 -14.25 22.67 -16.25
CA ALA E 77 -13.40 21.75 -17.01
C ALA E 77 -14.16 20.52 -17.47
N VAL E 78 -15.01 19.98 -16.60
CA VAL E 78 -16.00 18.99 -16.98
C VAL E 78 -16.90 19.49 -18.11
N GLU E 79 -17.44 20.69 -17.96
CA GLU E 79 -18.50 21.18 -18.84
C GLU E 79 -17.93 21.64 -20.18
N ALA E 80 -16.64 21.96 -20.21
CA ALA E 80 -15.92 22.14 -21.45
C ALA E 80 -15.73 20.82 -22.18
N ALA E 81 -15.45 19.77 -21.42
CA ALA E 81 -15.31 18.43 -21.99
C ALA E 81 -16.65 17.88 -22.44
N GLU E 82 -17.70 18.21 -21.69
CA GLU E 82 -19.04 17.71 -21.95
C GLU E 82 -19.57 18.21 -23.29
N LYS E 83 -19.23 19.45 -23.62
CA LYS E 83 -19.71 20.08 -24.84
C LYS E 83 -19.19 19.36 -26.07
N ASP E 84 -17.98 18.81 -25.98
CA ASP E 84 -17.39 18.05 -27.07
C ASP E 84 -17.67 16.56 -26.93
N GLY E 85 -18.63 16.21 -26.08
CA GLY E 85 -19.21 14.87 -26.08
C GLY E 85 -18.28 13.84 -25.46
N ARG E 86 -17.45 14.30 -24.53
CA ARG E 86 -16.30 13.52 -24.09
C ARG E 86 -16.21 13.51 -22.56
N HIS E 87 -15.61 12.47 -22.02
CA HIS E 87 -16.03 11.91 -20.74
C HIS E 87 -14.86 11.71 -19.78
N VAL E 88 -14.67 12.67 -18.89
CA VAL E 88 -13.37 12.87 -18.23
C VAL E 88 -13.52 12.80 -16.72
N SER E 89 -12.40 12.57 -16.04
CA SER E 89 -12.29 12.88 -14.62
C SER E 89 -11.43 14.12 -14.38
N VAL E 90 -11.81 14.92 -13.39
CA VAL E 90 -11.14 16.18 -13.12
C VAL E 90 -10.75 16.29 -11.65
N ALA E 91 -9.54 16.77 -11.41
CA ALA E 91 -9.05 16.98 -10.04
C ALA E 91 -8.44 18.37 -9.89
N VAL E 92 -8.69 19.00 -8.75
CA VAL E 92 -7.89 20.15 -8.32
C VAL E 92 -7.05 19.79 -7.10
N VAL E 93 -5.74 19.95 -7.23
CA VAL E 93 -4.81 19.63 -6.16
C VAL E 93 -4.10 20.89 -5.66
N ASP E 94 -4.16 21.14 -4.36
CA ASP E 94 -3.49 22.28 -3.73
C ASP E 94 -1.97 22.20 -3.92
N ARG E 95 -1.28 23.30 -3.62
CA ARG E 95 0.18 23.35 -3.68
C ARG E 95 0.82 22.49 -2.60
N ASN E 96 0.08 22.21 -1.54
CA ASN E 96 0.63 21.49 -0.39
C ASN E 96 0.56 19.96 -0.52
N GLY E 97 0.49 19.46 -1.75
CA GLY E 97 -0.78 19.26 -2.42
C GLY E 97 -1.53 18.04 -1.90
N ASN E 98 -2.37 18.27 -0.89
CA ASN E 98 -3.68 17.65 -0.82
C ASN E 98 -4.57 17.92 -2.03
N THR E 99 -5.42 16.95 -2.35
CA THR E 99 -6.53 17.16 -3.30
C THR E 99 -7.67 17.93 -2.65
N LEU E 100 -8.22 18.90 -3.37
CA LEU E 100 -9.33 19.69 -2.87
C LEU E 100 -10.66 19.25 -3.50
N VAL E 101 -10.63 19.00 -4.80
CA VAL E 101 -11.83 18.58 -5.53
C VAL E 101 -11.47 17.45 -6.49
N THR E 102 -12.29 16.40 -6.52
CA THR E 102 -12.40 15.54 -7.69
C THR E 102 -13.84 15.41 -8.16
N LEU E 103 -14.02 15.39 -9.48
CA LEU E 103 -15.29 14.97 -10.07
C LEU E 103 -15.08 13.89 -11.13
N ARG E 104 -15.83 12.81 -11.03
CA ARG E 104 -15.72 11.70 -11.96
C ARG E 104 -16.86 11.72 -12.98
N GLY E 105 -16.50 11.93 -14.24
CA GLY E 105 -17.48 12.09 -15.31
C GLY E 105 -18.32 10.85 -15.54
N ASP E 106 -19.56 11.07 -15.96
CA ASP E 106 -20.42 9.97 -16.40
C ASP E 106 -19.82 9.22 -17.58
N GLY E 107 -19.46 7.96 -17.34
CA GLY E 107 -18.92 7.12 -18.41
C GLY E 107 -17.44 7.33 -18.63
N ALA E 108 -16.78 7.99 -17.68
CA ALA E 108 -15.35 8.19 -17.73
C ALA E 108 -14.62 6.87 -17.48
N GLY E 109 -13.56 6.64 -18.24
CA GLY E 109 -12.67 5.52 -18.00
C GLY E 109 -12.27 5.41 -16.54
N PRO E 110 -12.24 4.18 -16.01
CA PRO E 110 -11.96 3.93 -14.60
C PRO E 110 -10.54 4.36 -14.24
N GLN E 111 -9.69 4.47 -15.25
CA GLN E 111 -8.29 4.83 -15.06
C GLN E 111 -8.15 6.34 -14.81
N SER E 112 -9.12 7.11 -15.30
CA SER E 112 -8.93 8.54 -15.52
C SER E 112 -9.01 9.32 -14.21
N TYR E 113 -9.60 8.68 -13.19
CA TYR E 113 -9.79 9.32 -11.89
C TYR E 113 -8.45 9.58 -11.20
N GLU E 114 -7.71 8.50 -10.96
CA GLU E 114 -6.37 8.60 -10.38
C GLU E 114 -5.44 9.43 -11.25
N SER E 115 -5.62 9.32 -12.56
CA SER E 115 -4.67 9.90 -13.51
C SER E 115 -4.79 11.43 -13.55
N ALA E 116 -6.01 11.92 -13.49
CA ALA E 116 -6.27 13.36 -13.40
C ALA E 116 -5.68 13.94 -12.12
N GLU E 117 -5.81 13.20 -11.03
CA GLU E 117 -5.24 13.59 -9.73
C GLU E 117 -3.74 13.85 -9.84
N ARG E 118 -3.02 12.90 -10.44
CA ARG E 118 -1.56 12.95 -10.45
C ARG E 118 -1.04 13.99 -11.44
N LYS E 119 -1.84 14.26 -12.48
CA LYS E 119 -1.54 15.34 -13.41
C LYS E 119 -1.60 16.69 -12.72
N ALA E 120 -2.63 16.90 -11.90
CA ALA E 120 -2.80 18.14 -11.16
C ALA E 120 -1.71 18.30 -10.10
N PHE E 121 -1.31 17.18 -9.50
CA PHE E 121 -0.18 17.14 -8.58
C PHE E 121 1.11 17.56 -9.26
N THR E 122 1.32 17.09 -10.48
CA THR E 122 2.57 17.31 -11.20
C THR E 122 2.67 18.75 -11.69
N ALA E 123 1.55 19.30 -12.13
CA ALA E 123 1.50 20.67 -12.63
C ALA E 123 1.84 21.69 -11.55
N VAL E 124 1.27 21.50 -10.36
CA VAL E 124 1.46 22.43 -9.26
C VAL E 124 2.84 22.26 -8.60
N SER E 125 3.43 21.09 -8.80
CA SER E 125 4.70 20.75 -8.16
C SER E 125 5.84 21.58 -8.74
N TRP E 126 5.71 21.96 -10.00
CA TRP E 126 6.80 22.61 -10.73
C TRP E 126 6.31 23.83 -11.49
N ASN E 127 5.04 24.17 -11.30
CA ASN E 127 4.46 25.39 -11.86
C ASN E 127 4.55 25.43 -13.39
N ALA E 128 4.26 24.29 -14.02
CA ALA E 128 4.18 24.23 -15.48
C ALA E 128 3.12 23.23 -15.92
N PRO E 129 2.51 23.46 -17.09
CA PRO E 129 1.68 22.45 -17.74
C PRO E 129 2.40 21.12 -17.91
N THR E 130 1.68 20.02 -17.72
CA THR E 130 2.27 18.70 -17.69
C THR E 130 2.80 18.28 -19.07
N SER E 131 2.18 18.82 -20.13
CA SER E 131 2.67 18.62 -21.48
C SER E 131 4.08 19.16 -21.65
N GLU E 132 4.40 20.23 -20.93
CA GLU E 132 5.71 20.86 -21.00
C GLU E 132 6.70 20.16 -20.06
N LEU E 133 6.19 19.60 -18.97
CA LEU E 133 7.02 18.82 -18.06
C LEU E 133 7.40 17.47 -18.65
N ALA E 134 6.60 16.99 -19.59
CA ALA E 134 6.87 15.72 -20.27
C ALA E 134 8.06 15.83 -21.21
N LYS E 135 8.34 17.04 -21.68
CA LYS E 135 9.48 17.28 -22.55
C LYS E 135 10.80 17.33 -21.78
N ARG E 136 10.70 17.54 -20.46
CA ARG E 136 11.87 17.49 -19.59
C ARG E 136 12.48 16.10 -19.54
N LEU E 137 11.70 15.09 -19.93
CA LEU E 137 12.05 13.69 -19.70
C LEU E 137 13.11 13.21 -20.69
N ALA E 138 13.25 13.93 -21.80
CA ALA E 138 14.29 13.62 -22.78
C ALA E 138 15.68 13.69 -22.14
N GLN E 139 15.96 14.79 -21.47
CA GLN E 139 17.27 15.02 -20.88
C GLN E 139 17.35 14.50 -19.45
N ALA E 140 16.18 14.32 -18.83
CA ALA E 140 16.11 13.84 -17.46
C ALA E 140 15.02 12.80 -17.27
N PRO E 141 15.30 11.54 -17.68
CA PRO E 141 14.29 10.51 -17.87
C PRO E 141 13.70 10.00 -16.56
N THR E 142 14.39 10.21 -15.45
CA THR E 142 14.00 9.64 -14.17
C THR E 142 13.33 10.68 -13.27
N LEU E 143 12.89 11.78 -13.86
CA LEU E 143 11.94 12.67 -13.20
C LEU E 143 10.61 11.97 -12.94
N LYS E 144 10.25 11.03 -13.81
CA LYS E 144 8.96 10.36 -13.73
C LYS E 144 8.92 9.30 -12.63
N ASP E 145 10.09 8.95 -12.09
CA ASP E 145 10.18 8.01 -10.99
C ASP E 145 9.94 8.68 -9.64
N ILE E 146 9.95 10.01 -9.63
CA ILE E 146 9.50 10.77 -8.47
C ILE E 146 8.07 10.39 -8.09
N PRO E 147 7.88 9.90 -6.86
CA PRO E 147 6.59 9.41 -6.40
C PRO E 147 5.47 10.45 -6.59
N GLY E 148 4.32 10.00 -7.10
CA GLY E 148 3.11 10.80 -7.07
C GLY E 148 2.86 11.50 -8.38
N THR E 149 3.85 11.45 -9.27
CA THR E 149 3.86 12.30 -10.46
C THR E 149 3.36 11.55 -11.68
N LEU E 150 2.78 12.29 -12.62
CA LEU E 150 2.41 11.74 -13.91
C LEU E 150 2.74 12.75 -15.00
N PHE E 151 3.72 12.41 -15.84
CA PHE E 151 4.25 13.35 -16.82
C PHE E 151 3.55 13.19 -18.17
N LEU E 152 2.36 13.79 -18.29
CA LEU E 152 1.42 13.46 -19.35
C LEU E 152 0.36 14.54 -19.44
N ALA E 153 0.09 15.00 -20.65
CA ALA E 153 -0.65 16.24 -20.85
C ALA E 153 -2.04 16.15 -20.22
N GLY E 154 -2.48 17.23 -19.58
CA GLY E 154 -3.78 17.26 -18.92
C GLY E 154 -3.76 17.98 -17.59
N GLY E 155 -2.57 18.38 -17.15
CA GLY E 155 -2.43 19.19 -15.94
C GLY E 155 -1.91 20.58 -16.24
N THR E 156 -2.47 21.58 -15.56
CA THR E 156 -2.04 22.96 -15.71
C THR E 156 -2.16 23.72 -14.38
N PRO E 157 -1.16 24.55 -14.07
CA PRO E 157 -1.13 25.27 -12.79
C PRO E 157 -2.08 26.46 -12.77
N VAL E 158 -2.68 26.72 -11.61
CA VAL E 158 -3.19 28.04 -11.28
C VAL E 158 -2.25 28.75 -10.29
N THR E 159 -1.99 30.03 -10.55
CA THR E 159 -1.02 30.79 -9.75
C THR E 159 -1.71 31.92 -8.99
N ALA E 160 -1.00 32.46 -8.00
CA ALA E 160 -1.40 33.73 -7.38
C ALA E 160 -0.18 34.58 -7.01
N LYS E 161 -0.25 35.87 -7.36
CA LYS E 161 0.89 36.60 -7.90
C LYS E 161 2.07 35.68 -8.23
N GLY E 162 1.91 34.88 -9.28
CA GLY E 162 3.06 34.37 -10.02
C GLY E 162 3.51 33.01 -9.50
N ALA E 163 3.14 32.72 -8.25
CA ALA E 163 3.52 31.47 -7.62
C ALA E 163 2.33 30.52 -7.53
N PRO E 164 2.58 29.21 -7.69
CA PRO E 164 1.51 28.24 -7.90
C PRO E 164 0.74 27.92 -6.61
N VAL E 165 -0.58 27.76 -6.74
CA VAL E 165 -1.44 27.57 -5.57
C VAL E 165 -2.36 26.37 -5.73
N ALA E 166 -2.59 25.96 -6.98
CA ALA E 166 -3.25 24.69 -7.27
C ALA E 166 -2.85 24.16 -8.65
N GLY E 167 -3.05 22.87 -8.86
CA GLY E 167 -3.05 22.30 -10.20
C GLY E 167 -4.41 21.78 -10.62
N ILE E 168 -4.72 21.91 -11.90
CA ILE E 168 -5.94 21.34 -12.47
C ILE E 168 -5.62 20.19 -13.40
N GLY E 169 -6.14 19.01 -13.08
CA GLY E 169 -5.86 17.81 -13.87
C GLY E 169 -7.11 17.24 -14.52
N VAL E 170 -7.07 17.12 -15.84
CA VAL E 170 -8.10 16.40 -16.58
C VAL E 170 -7.52 15.14 -17.22
N ALA E 171 -8.21 14.02 -17.05
CA ALA E 171 -7.88 12.79 -17.76
C ALA E 171 -9.12 12.16 -18.37
N GLY E 172 -9.04 11.81 -19.65
CA GLY E 172 -9.60 10.57 -20.16
C GLY E 172 -10.25 10.78 -21.50
N ALA E 173 -10.22 12.03 -21.97
CA ALA E 173 -10.44 12.35 -23.37
C ALA E 173 -9.37 11.75 -24.27
N PRO E 174 -9.67 11.60 -25.57
CA PRO E 174 -8.96 10.70 -26.49
C PRO E 174 -7.49 11.05 -26.67
N SER E 175 -7.11 12.28 -26.32
CA SER E 175 -5.70 12.61 -26.12
C SER E 175 -5.48 13.42 -24.85
N GLY E 176 -4.29 13.29 -24.27
CA GLY E 176 -3.84 14.18 -23.21
C GLY E 176 -3.85 15.65 -23.60
N ASP E 177 -3.69 15.92 -24.90
CA ASP E 177 -3.63 17.29 -25.39
C ASP E 177 -5.02 17.93 -25.47
N LEU E 178 -6.04 17.09 -25.57
CA LEU E 178 -7.41 17.53 -25.36
C LEU E 178 -7.70 17.77 -23.88
N ASP E 179 -7.10 16.93 -23.04
CA ASP E 179 -7.28 17.03 -21.59
C ASP E 179 -6.82 18.39 -21.06
N GLU E 180 -5.66 18.85 -21.53
CA GLU E 180 -5.05 20.06 -21.03
C GLU E 180 -5.76 21.31 -21.53
N GLN E 181 -6.39 21.18 -22.70
CA GLN E 181 -7.32 22.20 -23.19
C GLN E 181 -8.49 22.39 -22.22
N TYR E 182 -9.05 21.29 -21.74
CA TYR E 182 -10.17 21.34 -20.80
C TYR E 182 -9.73 21.80 -19.42
N ALA E 183 -8.52 21.37 -19.02
CA ALA E 183 -7.88 21.90 -17.82
C ALA E 183 -7.67 23.41 -17.91
N ARG E 184 -7.25 23.88 -19.09
CA ARG E 184 -7.07 25.31 -19.32
C ARG E 184 -8.41 26.04 -19.33
N ALA E 185 -9.43 25.41 -19.88
CA ALA E 185 -10.79 25.92 -19.80
C ALA E 185 -11.27 26.01 -18.35
N GLY E 186 -10.87 25.04 -17.54
CA GLY E 186 -11.16 25.07 -16.10
C GLY E 186 -10.53 26.26 -15.40
N ALA E 187 -9.27 26.53 -15.72
CA ALA E 187 -8.55 27.65 -15.13
C ALA E 187 -9.06 28.99 -15.66
N ALA E 188 -9.75 28.95 -16.79
CA ALA E 188 -10.08 30.16 -17.55
C ALA E 188 -11.28 30.89 -16.96
N VAL E 189 -11.99 30.24 -16.05
CA VAL E 189 -13.08 30.88 -15.33
C VAL E 189 -12.58 31.55 -14.04
N LEU E 190 -11.28 31.47 -13.81
CA LEU E 190 -10.66 32.15 -12.68
C LEU E 190 -9.85 33.36 -13.14
N GLY E 191 -9.51 34.24 -12.20
CA GLY E 191 -10.00 35.61 -12.19
C GLY E 191 -11.51 35.73 -12.14
N HIS E 192 -12.04 36.76 -12.79
CA HIS E 192 -11.23 37.65 -13.60
C HIS E 192 -11.16 39.05 -13.01
N VAL F 52 18.69 -26.56 -13.32
CA VAL F 52 19.19 -27.11 -12.02
C VAL F 52 18.07 -27.77 -11.23
N ALA F 53 18.32 -29.00 -10.78
CA ALA F 53 17.27 -30.00 -10.61
C ALA F 53 17.36 -30.67 -9.23
N ALA F 54 16.49 -30.24 -8.32
CA ALA F 54 16.32 -30.94 -7.05
C ALA F 54 15.60 -32.27 -7.25
N ARG F 55 16.10 -33.32 -6.62
CA ARG F 55 15.31 -34.53 -6.39
C ARG F 55 15.41 -35.00 -4.93
N GLY F 56 14.84 -36.17 -4.65
CA GLY F 56 13.47 -36.25 -4.17
C GLY F 56 13.37 -36.01 -2.67
N GLY F 57 14.53 -36.01 -2.00
CA GLY F 57 14.59 -35.82 -0.56
C GLY F 57 14.45 -34.36 -0.17
N GLU F 58 14.64 -33.48 -1.15
CA GLU F 58 14.44 -32.05 -0.93
C GLU F 58 13.20 -31.53 -1.65
N LEU F 59 12.44 -32.46 -2.23
CA LEU F 59 11.10 -32.14 -2.73
C LEU F 59 10.01 -32.62 -1.77
N THR F 60 8.92 -31.87 -1.72
CA THR F 60 7.69 -32.32 -1.09
C THR F 60 6.47 -31.98 -1.95
N GLN F 61 5.36 -32.67 -1.70
CA GLN F 61 4.14 -32.46 -2.48
C GLN F 61 3.07 -31.76 -1.66
N SER F 62 2.27 -30.94 -2.32
CA SER F 62 1.06 -30.39 -1.71
C SER F 62 -0.16 -30.61 -2.62
N THR F 63 -1.33 -30.66 -2.00
CA THR F 63 -2.57 -31.01 -2.70
C THR F 63 -3.50 -29.80 -2.79
N HIS F 64 -4.14 -29.65 -3.96
CA HIS F 64 -5.00 -28.50 -4.22
C HIS F 64 -6.30 -28.95 -4.86
N LEU F 65 -7.35 -28.15 -4.68
CA LEU F 65 -8.42 -28.06 -5.66
C LEU F 65 -7.86 -27.72 -7.04
N THR F 66 -8.42 -28.36 -8.06
CA THR F 66 -8.33 -27.85 -9.44
C THR F 66 -9.08 -26.53 -9.54
N LEU F 67 -8.67 -25.71 -10.51
CA LEU F 67 -9.48 -24.56 -10.93
C LEU F 67 -10.93 -24.97 -11.17
N GLU F 68 -11.11 -26.11 -11.84
CA GLU F 68 -12.44 -26.59 -12.20
C GLU F 68 -13.30 -26.84 -10.96
N ALA F 69 -12.74 -27.51 -9.97
CA ALA F 69 -13.47 -27.79 -8.73
C ALA F 69 -13.71 -26.53 -7.93
N ALA F 70 -12.70 -25.65 -7.89
CA ALA F 70 -12.83 -24.35 -7.24
C ALA F 70 -13.94 -23.52 -7.87
N THR F 71 -14.00 -23.52 -9.20
CA THR F 71 -15.05 -22.80 -9.92
C THR F 71 -16.42 -23.43 -9.68
N LYS F 72 -16.47 -24.76 -9.68
CA LYS F 72 -17.71 -25.48 -9.41
C LYS F 72 -18.29 -25.12 -8.04
N ALA F 73 -17.42 -25.14 -7.02
CA ALA F 73 -17.84 -24.87 -5.65
C ALA F 73 -18.19 -23.39 -5.45
N ALA F 74 -17.44 -22.53 -6.11
CA ALA F 74 -17.74 -21.09 -6.13
C ALA F 74 -19.13 -20.82 -6.71
N ARG F 75 -19.40 -21.36 -7.89
CA ARG F 75 -20.62 -21.04 -8.62
C ARG F 75 -21.85 -21.63 -7.93
N ALA F 76 -21.65 -22.76 -7.25
CA ALA F 76 -22.68 -23.32 -6.38
C ALA F 76 -23.05 -22.38 -5.23
N ALA F 77 -22.06 -21.69 -4.70
CA ALA F 77 -22.27 -20.80 -3.56
C ALA F 77 -23.06 -19.56 -3.95
N VAL F 78 -22.72 -18.98 -5.11
CA VAL F 78 -23.58 -17.99 -5.76
C VAL F 78 -25.00 -18.51 -5.96
N GLU F 79 -25.11 -19.68 -6.58
CA GLU F 79 -26.41 -20.29 -6.87
C GLU F 79 -27.30 -20.33 -5.64
N ALA F 80 -26.74 -20.80 -4.53
CA ALA F 80 -27.51 -20.96 -3.29
C ALA F 80 -27.91 -19.61 -2.70
N ALA F 81 -27.04 -18.62 -2.86
CA ALA F 81 -27.34 -17.25 -2.45
C ALA F 81 -28.46 -16.65 -3.29
N GLU F 82 -28.42 -16.89 -4.59
CA GLU F 82 -29.40 -16.33 -5.52
C GLU F 82 -30.76 -17.01 -5.36
N LYS F 83 -30.74 -18.29 -5.01
CA LYS F 83 -31.94 -19.01 -4.60
C LYS F 83 -32.68 -18.30 -3.47
N ASP F 84 -31.92 -17.61 -2.61
CA ASP F 84 -32.47 -16.92 -1.47
C ASP F 84 -32.71 -15.43 -1.77
N GLY F 85 -32.57 -15.06 -3.04
CA GLY F 85 -32.75 -13.68 -3.47
C GLY F 85 -31.68 -12.74 -2.92
N ARG F 86 -30.49 -13.28 -2.68
CA ARG F 86 -29.41 -12.51 -2.08
C ARG F 86 -28.26 -12.32 -3.08
N HIS F 87 -27.49 -11.27 -2.88
CA HIS F 87 -26.40 -10.94 -3.80
C HIS F 87 -25.05 -10.92 -3.09
N VAL F 88 -24.23 -11.93 -3.35
CA VAL F 88 -22.97 -12.09 -2.65
C VAL F 88 -21.78 -12.03 -3.61
N SER F 89 -20.61 -11.70 -3.07
CA SER F 89 -19.35 -12.07 -3.69
C SER F 89 -18.79 -13.35 -3.09
N VAL F 90 -18.13 -14.15 -3.92
CA VAL F 90 -17.61 -15.45 -3.50
C VAL F 90 -16.14 -15.58 -3.89
N ALA F 91 -15.33 -16.03 -2.94
CA ALA F 91 -13.92 -16.32 -3.23
C ALA F 91 -13.52 -17.72 -2.78
N VAL F 92 -12.77 -18.42 -3.62
CA VAL F 92 -12.04 -19.61 -3.20
C VAL F 92 -10.55 -19.33 -3.09
N VAL F 93 -9.99 -19.62 -1.92
CA VAL F 93 -8.59 -19.31 -1.63
C VAL F 93 -7.84 -20.59 -1.25
N ASP F 94 -6.72 -20.82 -1.91
CA ASP F 94 -5.87 -21.97 -1.63
C ASP F 94 -5.32 -21.95 -0.20
N ARG F 95 -4.92 -23.11 0.30
CA ARG F 95 -4.20 -23.20 1.57
C ARG F 95 -2.87 -22.43 1.55
N ASN F 96 -2.37 -22.11 0.35
CA ASN F 96 -1.06 -21.47 0.23
C ASN F 96 -1.12 -19.94 0.22
N GLY F 97 -2.19 -19.36 0.74
CA GLY F 97 -3.40 -19.11 -0.04
C GLY F 97 -3.29 -17.92 -0.97
N ASN F 98 -2.83 -18.18 -2.19
CA ASN F 98 -3.38 -17.56 -3.39
C ASN F 98 -4.89 -17.71 -3.53
N THR F 99 -5.55 -16.63 -3.94
CA THR F 99 -6.90 -16.70 -4.47
C THR F 99 -6.95 -17.46 -5.79
N LEU F 100 -7.85 -18.43 -5.88
CA LEU F 100 -8.04 -19.22 -7.09
C LEU F 100 -9.20 -18.70 -7.92
N VAL F 101 -10.32 -18.43 -7.26
CA VAL F 101 -11.54 -17.98 -7.94
C VAL F 101 -12.19 -16.83 -7.18
N THR F 102 -12.52 -15.75 -7.89
CA THR F 102 -13.50 -14.79 -7.40
C THR F 102 -14.69 -14.67 -8.34
N LEU F 103 -15.88 -14.61 -7.76
CA LEU F 103 -17.07 -14.19 -8.48
C LEU F 103 -17.79 -13.05 -7.77
N ARG F 104 -17.96 -11.94 -8.46
CA ARG F 104 -18.74 -10.82 -7.94
C ARG F 104 -20.19 -10.91 -8.37
N GLY F 105 -21.08 -11.11 -7.39
CA GLY F 105 -22.51 -11.23 -7.68
C GLY F 105 -23.09 -9.97 -8.30
N ASP F 106 -24.12 -10.14 -9.13
CA ASP F 106 -24.90 -9.01 -9.62
C ASP F 106 -25.61 -8.32 -8.46
N GLY F 107 -25.25 -7.07 -8.23
CA GLY F 107 -25.91 -6.26 -7.20
C GLY F 107 -25.33 -6.49 -5.81
N ALA F 108 -24.24 -7.24 -5.75
CA ALA F 108 -23.49 -7.38 -4.51
C ALA F 108 -22.90 -6.04 -4.08
N GLY F 109 -22.84 -5.83 -2.76
CA GLY F 109 -22.17 -4.65 -2.21
C GLY F 109 -20.70 -4.59 -2.56
N PRO F 110 -20.16 -3.37 -2.70
CA PRO F 110 -18.79 -3.18 -3.16
C PRO F 110 -17.78 -3.60 -2.10
N GLN F 111 -18.22 -3.70 -0.86
CA GLN F 111 -17.39 -4.13 0.25
C GLN F 111 -17.17 -5.64 0.22
N SER F 112 -18.05 -6.35 -0.47
CA SER F 112 -18.24 -7.78 -0.26
C SER F 112 -17.13 -8.58 -0.95
N TYR F 113 -16.54 -7.99 -1.98
CA TYR F 113 -15.54 -8.67 -2.80
C TYR F 113 -14.32 -9.03 -1.97
N GLU F 114 -13.67 -8.00 -1.42
CA GLU F 114 -12.51 -8.21 -0.56
C GLU F 114 -12.87 -8.97 0.71
N SER F 115 -14.05 -8.65 1.26
CA SER F 115 -14.57 -9.35 2.44
C SER F 115 -14.65 -10.86 2.22
N ALA F 116 -15.16 -11.26 1.07
CA ALA F 116 -15.24 -12.68 0.71
C ALA F 116 -13.87 -13.34 0.69
N GLU F 117 -12.88 -12.64 0.15
CA GLU F 117 -11.54 -13.18 -0.01
C GLU F 117 -10.90 -13.48 1.34
N ARG F 118 -11.04 -12.55 2.28
CA ARG F 118 -10.37 -12.65 3.57
C ARG F 118 -11.06 -13.67 4.46
N LYS F 119 -12.35 -13.86 4.25
CA LYS F 119 -13.10 -14.92 4.92
C LYS F 119 -12.59 -16.29 4.50
N ALA F 120 -12.41 -16.47 3.20
CA ALA F 120 -11.87 -17.72 2.66
C ALA F 120 -10.46 -17.98 3.16
N PHE F 121 -9.62 -16.95 3.07
CA PHE F 121 -8.25 -16.99 3.58
C PHE F 121 -8.22 -17.38 5.07
N THR F 122 -9.09 -16.77 5.86
CA THR F 122 -9.15 -17.06 7.30
C THR F 122 -9.61 -18.49 7.57
N ALA F 123 -10.59 -18.96 6.81
CA ALA F 123 -11.10 -20.33 6.94
C ALA F 123 -10.01 -21.37 6.74
N VAL F 124 -9.24 -21.24 5.66
CA VAL F 124 -8.27 -22.25 5.29
C VAL F 124 -7.01 -22.15 6.12
N SER F 125 -6.76 -20.95 6.67
CA SER F 125 -5.60 -20.71 7.52
C SER F 125 -5.66 -21.56 8.80
N TRP F 126 -6.86 -21.73 9.35
CA TRP F 126 -7.01 -22.43 10.62
C TRP F 126 -7.96 -23.63 10.51
N ASN F 127 -8.40 -23.92 9.29
CA ASN F 127 -9.15 -25.15 9.01
C ASN F 127 -10.43 -25.24 9.84
N ALA F 128 -11.18 -24.14 9.86
CA ALA F 128 -12.47 -24.07 10.56
C ALA F 128 -13.31 -22.96 9.95
N PRO F 129 -14.64 -23.04 10.13
CA PRO F 129 -15.52 -21.94 9.70
C PRO F 129 -15.20 -20.64 10.45
N THR F 130 -15.30 -19.51 9.74
CA THR F 130 -14.99 -18.22 10.35
C THR F 130 -15.91 -17.90 11.53
N SER F 131 -17.13 -18.43 11.49
CA SER F 131 -18.06 -18.30 12.62
C SER F 131 -17.53 -19.00 13.87
N GLU F 132 -16.97 -20.19 13.69
CA GLU F 132 -16.24 -20.87 14.75
C GLU F 132 -15.01 -20.06 15.21
N LEU F 133 -14.27 -19.53 14.23
CA LEU F 133 -13.02 -18.83 14.53
C LEU F 133 -13.28 -17.50 15.24
N ALA F 134 -14.39 -16.86 14.90
CA ALA F 134 -14.76 -15.59 15.53
C ALA F 134 -14.93 -15.76 17.03
N LYS F 135 -15.29 -16.96 17.45
CA LYS F 135 -15.53 -17.26 18.86
C LYS F 135 -14.23 -17.24 19.67
N ARG F 136 -13.11 -17.32 18.97
CA ARG F 136 -11.80 -17.38 19.61
C ARG F 136 -11.38 -16.02 20.15
N LEU F 137 -12.11 -14.97 19.75
CA LEU F 137 -11.67 -13.61 19.97
C LEU F 137 -11.95 -13.14 21.40
N ALA F 138 -12.83 -13.85 22.09
CA ALA F 138 -13.14 -13.53 23.48
C ALA F 138 -11.95 -13.81 24.38
N GLN F 139 -11.31 -14.96 24.17
CA GLN F 139 -10.12 -15.33 24.93
C GLN F 139 -8.86 -14.68 24.37
N ALA F 140 -8.82 -14.50 23.06
CA ALA F 140 -7.65 -13.94 22.39
C ALA F 140 -8.04 -12.90 21.36
N PRO F 141 -8.31 -11.66 21.81
CA PRO F 141 -8.86 -10.60 20.96
C PRO F 141 -7.92 -10.13 19.83
N THR F 142 -6.62 -10.35 19.97
CA THR F 142 -5.66 -9.77 19.03
C THR F 142 -5.36 -10.70 17.84
N LEU F 143 -6.04 -11.84 17.79
CA LEU F 143 -6.00 -12.71 16.62
C LEU F 143 -6.46 -11.98 15.37
N LYS F 144 -7.37 -11.03 15.55
CA LYS F 144 -7.93 -10.26 14.45
C LYS F 144 -6.92 -9.26 13.87
N ASP F 145 -5.78 -9.11 14.55
CA ASP F 145 -4.75 -8.18 14.10
C ASP F 145 -3.70 -8.86 13.20
N ILE F 146 -3.82 -10.18 13.07
CA ILE F 146 -3.09 -10.92 12.04
C ILE F 146 -3.51 -10.48 10.63
N PRO F 147 -2.55 -10.00 9.83
CA PRO F 147 -2.78 -9.46 8.50
C PRO F 147 -3.54 -10.42 7.59
N GLY F 148 -4.55 -9.90 6.89
CA GLY F 148 -5.21 -10.64 5.83
C GLY F 148 -6.41 -11.41 6.31
N THR F 149 -6.70 -11.32 7.60
CA THR F 149 -7.76 -12.11 8.22
C THR F 149 -9.05 -11.31 8.37
N LEU F 150 -10.17 -12.03 8.41
CA LEU F 150 -11.46 -11.44 8.78
C LEU F 150 -12.28 -12.45 9.56
N PHE F 151 -12.48 -12.17 10.84
CA PHE F 151 -13.08 -13.15 11.74
C PHE F 151 -14.59 -12.95 11.82
N LEU F 152 -15.25 -13.28 10.72
CA LEU F 152 -16.64 -12.91 10.51
C LEU F 152 -17.28 -13.99 9.64
N ALA F 153 -18.45 -14.46 10.07
CA ALA F 153 -19.04 -15.67 9.50
C ALA F 153 -19.21 -15.55 8.00
N GLY F 154 -18.97 -16.66 7.28
CA GLY F 154 -19.09 -16.66 5.84
C GLY F 154 -17.95 -17.36 5.13
N GLY F 155 -16.97 -17.84 5.89
CA GLY F 155 -15.89 -18.63 5.33
C GLY F 155 -15.87 -20.05 5.86
N THR F 156 -15.58 -21.00 4.97
CA THR F 156 -15.60 -22.42 5.33
C THR F 156 -14.44 -23.16 4.65
N PRO F 157 -13.81 -24.11 5.36
CA PRO F 157 -12.68 -24.87 4.84
C PRO F 157 -13.12 -26.04 3.97
N VAL F 158 -12.31 -26.34 2.94
CA VAL F 158 -12.35 -27.63 2.27
C VAL F 158 -11.08 -28.42 2.57
N THR F 159 -11.24 -29.71 2.87
CA THR F 159 -10.09 -30.58 3.15
C THR F 159 -9.87 -31.60 2.05
N ALA F 160 -8.63 -32.08 1.95
CA ALA F 160 -8.35 -33.33 1.25
C ALA F 160 -7.43 -34.22 2.09
N LYS F 161 -7.88 -35.45 2.33
CA LYS F 161 -7.17 -36.38 3.21
C LYS F 161 -6.83 -35.73 4.55
N GLY F 162 -7.80 -35.03 5.14
CA GLY F 162 -7.67 -34.54 6.51
C GLY F 162 -7.09 -33.13 6.56
N ALA F 163 -6.24 -32.81 5.59
CA ALA F 163 -5.56 -31.51 5.55
C ALA F 163 -6.38 -30.49 4.78
N PRO F 164 -6.39 -29.23 5.26
CA PRO F 164 -7.06 -28.14 4.57
C PRO F 164 -6.38 -27.77 3.25
N VAL F 165 -7.16 -27.65 2.19
CA VAL F 165 -6.59 -27.38 0.86
C VAL F 165 -7.14 -26.09 0.25
N ALA F 166 -8.34 -25.69 0.65
CA ALA F 166 -8.91 -24.43 0.20
C ALA F 166 -9.87 -23.84 1.22
N GLY F 167 -10.16 -22.56 1.08
CA GLY F 167 -11.28 -21.93 1.78
C GLY F 167 -12.28 -21.33 0.81
N ILE F 168 -13.57 -21.54 1.08
CA ILE F 168 -14.61 -20.82 0.37
C ILE F 168 -15.20 -19.71 1.24
N GLY F 169 -15.17 -18.49 0.72
CA GLY F 169 -15.65 -17.33 1.44
C GLY F 169 -16.80 -16.64 0.73
N VAL F 170 -17.84 -16.32 1.48
CA VAL F 170 -18.99 -15.61 0.95
C VAL F 170 -19.24 -14.34 1.76
N ALA F 171 -19.49 -13.23 1.07
CA ALA F 171 -19.83 -11.98 1.74
C ALA F 171 -20.99 -11.27 1.05
N GLY F 172 -21.94 -10.81 1.83
CA GLY F 172 -22.68 -9.59 1.53
C GLY F 172 -24.17 -9.85 1.42
N ALA F 173 -24.57 -11.07 1.71
CA ALA F 173 -25.82 -11.36 2.42
C ALA F 173 -26.05 -10.46 3.63
N PRO F 174 -27.32 -10.33 4.05
CA PRO F 174 -27.71 -9.43 5.14
C PRO F 174 -27.01 -9.73 6.45
N SER F 175 -26.51 -10.96 6.61
CA SER F 175 -25.65 -11.30 7.74
C SER F 175 -24.75 -12.50 7.45
N GLY F 176 -23.75 -12.69 8.29
CA GLY F 176 -22.67 -13.62 8.01
C GLY F 176 -23.09 -15.07 8.16
N ASP F 177 -24.07 -15.33 9.01
CA ASP F 177 -24.61 -16.68 9.18
C ASP F 177 -25.28 -17.17 7.90
N LEU F 178 -25.87 -16.25 7.15
CA LEU F 178 -26.40 -16.57 5.83
C LEU F 178 -25.28 -16.74 4.80
N ASP F 179 -24.32 -15.82 4.80
CA ASP F 179 -23.10 -15.97 4.02
C ASP F 179 -22.54 -17.39 4.11
N GLU F 180 -22.37 -17.87 5.34
CA GLU F 180 -21.73 -19.15 5.59
C GLU F 180 -22.61 -20.33 5.16
N GLN F 181 -23.93 -20.13 5.24
CA GLN F 181 -24.86 -21.12 4.72
C GLN F 181 -24.63 -21.38 3.24
N TYR F 182 -24.43 -20.31 2.48
CA TYR F 182 -24.14 -20.42 1.05
C TYR F 182 -22.72 -20.94 0.81
N ALA F 183 -21.81 -20.61 1.73
CA ALA F 183 -20.45 -21.14 1.67
C ALA F 183 -20.44 -22.66 1.85
N ARG F 184 -21.24 -23.15 2.81
CA ARG F 184 -21.37 -24.58 3.04
C ARG F 184 -21.95 -25.29 1.83
N ALA F 185 -22.93 -24.65 1.18
CA ALA F 185 -23.59 -25.21 0.01
C ALA F 185 -22.62 -25.37 -1.16
N GLY F 186 -21.74 -24.39 -1.32
CA GLY F 186 -20.66 -24.48 -2.31
C GLY F 186 -19.71 -25.63 -2.03
N ALA F 187 -19.34 -25.80 -0.76
CA ALA F 187 -18.45 -26.89 -0.35
C ALA F 187 -19.08 -28.25 -0.59
N ALA F 188 -20.41 -28.30 -0.58
CA ALA F 188 -21.14 -29.56 -0.51
C ALA F 188 -21.18 -30.26 -1.86
N VAL F 189 -20.89 -29.52 -2.92
CA VAL F 189 -20.84 -30.08 -4.26
C VAL F 189 -19.51 -30.77 -4.56
N LEU F 190 -18.57 -30.65 -3.62
CA LEU F 190 -17.42 -31.55 -3.56
C LEU F 190 -17.67 -32.68 -2.55
N GLY F 191 -16.87 -33.74 -2.64
CA GLY F 191 -16.41 -34.30 -3.91
C GLY F 191 -17.51 -34.76 -4.84
N HIS F 192 -17.56 -36.07 -5.10
CA HIS F 192 -17.82 -37.09 -4.08
C HIS F 192 -18.34 -38.37 -4.73
N VAL G 52 17.13 -13.18 27.26
CA VAL G 52 18.23 -14.02 26.70
C VAL G 52 19.35 -13.17 26.14
N ALA G 53 20.57 -13.41 26.63
CA ALA G 53 21.73 -12.61 26.24
C ALA G 53 22.60 -13.35 25.23
N ALA G 54 22.72 -12.78 24.03
CA ALA G 54 23.75 -13.20 23.08
C ALA G 54 25.10 -12.61 23.46
N ARG G 55 26.16 -13.37 23.20
CA ARG G 55 27.52 -12.85 23.27
C ARG G 55 28.47 -13.60 22.35
N GLY G 56 29.74 -13.18 22.34
CA GLY G 56 30.15 -12.00 21.59
C GLY G 56 30.35 -12.31 20.12
N GLY G 57 30.38 -13.59 19.78
CA GLY G 57 30.72 -14.03 18.43
C GLY G 57 29.48 -14.23 17.57
N GLU G 58 28.32 -14.13 18.19
CA GLU G 58 27.06 -14.01 17.47
C GLU G 58 26.71 -12.55 17.20
N LEU G 59 27.62 -11.66 17.60
CA LEU G 59 27.33 -10.23 17.63
C LEU G 59 28.24 -9.49 16.67
N THR G 60 27.69 -8.49 15.99
CA THR G 60 28.47 -7.62 15.12
C THR G 60 28.08 -6.17 15.35
N GLN G 61 29.00 -5.25 15.04
CA GLN G 61 28.76 -3.84 15.25
C GLN G 61 28.53 -3.12 13.92
N SER G 62 27.78 -2.03 13.95
CA SER G 62 27.69 -1.13 12.80
C SER G 62 27.78 0.34 13.23
N THR G 63 28.24 1.17 12.30
CA THR G 63 28.49 2.59 12.60
C THR G 63 27.41 3.48 11.98
N HIS G 64 26.95 4.47 12.75
CA HIS G 64 25.94 5.40 12.27
C HIS G 64 26.33 6.83 12.61
N LEU G 65 25.87 7.79 11.81
CA LEU G 65 25.61 9.13 12.29
C LEU G 65 24.69 9.12 13.50
N THR G 66 25.03 9.93 14.50
CA THR G 66 24.07 10.29 15.54
C THR G 66 22.96 11.16 14.97
N LEU G 67 21.82 11.21 15.67
CA LEU G 67 20.75 12.14 15.34
C LEU G 67 21.24 13.59 15.37
N GLU G 68 22.11 13.90 16.34
CA GLU G 68 22.70 15.23 16.45
C GLU G 68 23.49 15.61 15.20
N ALA G 69 24.28 14.66 14.69
CA ALA G 69 25.03 14.85 13.45
C ALA G 69 24.10 14.93 12.25
N ALA G 70 23.08 14.09 12.23
CA ALA G 70 22.19 13.98 11.08
C ALA G 70 21.36 15.25 10.91
N THR G 71 20.85 15.77 12.03
CA THR G 71 20.13 17.04 12.03
C THR G 71 21.03 18.19 11.62
N LYS G 72 22.27 18.18 12.08
CA LYS G 72 23.25 19.21 11.76
C LYS G 72 23.53 19.28 10.27
N ALA G 73 23.68 18.12 9.64
CA ALA G 73 23.96 18.04 8.21
C ALA G 73 22.72 18.38 7.38
N ALA G 74 21.55 18.00 7.89
CA ALA G 74 20.29 18.31 7.21
C ALA G 74 19.98 19.80 7.24
N ARG G 75 20.06 20.38 8.43
CA ARG G 75 19.83 21.82 8.60
C ARG G 75 20.76 22.65 7.73
N ALA G 76 22.01 22.21 7.61
CA ALA G 76 23.01 22.92 6.82
C ALA G 76 22.68 22.88 5.34
N ALA G 77 22.16 21.74 4.87
CA ALA G 77 21.69 21.60 3.50
C ALA G 77 20.52 22.54 3.20
N VAL G 78 19.64 22.72 4.18
CA VAL G 78 18.50 23.61 4.05
C VAL G 78 18.95 25.05 3.81
N GLU G 79 19.78 25.57 4.72
CA GLU G 79 20.13 26.99 4.71
C GLU G 79 21.27 27.30 3.74
N ALA G 80 21.85 26.25 3.15
CA ALA G 80 22.65 26.40 1.94
C ALA G 80 21.78 26.62 0.71
N ALA G 81 20.58 26.04 0.72
CA ALA G 81 19.60 26.29 -0.33
C ALA G 81 18.89 27.62 -0.12
N GLU G 82 18.68 27.98 1.14
CA GLU G 82 17.97 29.22 1.48
C GLU G 82 18.84 30.45 1.22
N LYS G 83 20.16 30.25 1.22
CA LYS G 83 21.09 31.28 0.77
C LYS G 83 20.86 31.67 -0.68
N ASP G 84 20.36 30.72 -1.47
CA ASP G 84 20.14 30.94 -2.90
C ASP G 84 18.67 31.21 -3.21
N GLY G 85 17.87 31.36 -2.16
CA GLY G 85 16.43 31.61 -2.32
C GLY G 85 15.70 30.43 -2.95
N ARG G 86 16.26 29.24 -2.77
CA ARG G 86 15.63 28.02 -3.26
C ARG G 86 15.01 27.23 -2.11
N HIS G 87 13.97 26.48 -2.43
CA HIS G 87 13.12 25.89 -1.40
C HIS G 87 13.00 24.39 -1.57
N VAL G 88 13.59 23.65 -0.63
CA VAL G 88 13.85 22.22 -0.81
C VAL G 88 13.30 21.42 0.36
N SER G 89 13.15 20.11 0.15
CA SER G 89 13.12 19.16 1.26
C SER G 89 14.46 18.45 1.42
N VAL G 90 14.81 18.15 2.66
CA VAL G 90 16.02 17.37 2.95
C VAL G 90 15.68 16.13 3.76
N ALA G 91 16.29 15.01 3.39
CA ALA G 91 16.19 13.78 4.17
C ALA G 91 17.56 13.17 4.43
N VAL G 92 17.76 12.64 5.62
CA VAL G 92 18.94 11.84 5.93
C VAL G 92 18.55 10.41 6.27
N VAL G 93 19.02 9.46 5.47
CA VAL G 93 18.65 8.06 5.62
C VAL G 93 19.87 7.23 6.04
N ASP G 94 19.72 6.47 7.13
CA ASP G 94 20.77 5.57 7.60
C ASP G 94 21.11 4.53 6.54
N ARG G 95 22.28 3.91 6.68
CA ARG G 95 22.68 2.81 5.82
C ARG G 95 21.76 1.59 5.99
N ASN G 96 20.97 1.57 7.06
CA ASN G 96 20.15 0.40 7.37
C ASN G 96 18.75 0.40 6.76
N GLY G 97 18.54 1.17 5.69
CA GLY G 97 18.23 2.60 5.78
C GLY G 97 16.82 2.89 6.23
N ASN G 98 16.64 3.00 7.54
CA ASN G 98 15.70 3.95 8.14
C ASN G 98 16.04 5.42 7.87
N THR G 99 15.01 6.20 7.55
CA THR G 99 15.09 7.65 7.65
C THR G 99 15.35 8.09 9.08
N LEU G 100 16.28 9.03 9.24
CA LEU G 100 16.60 9.58 10.55
C LEU G 100 16.08 11.00 10.70
N VAL G 101 16.24 11.81 9.65
CA VAL G 101 15.77 13.19 9.64
C VAL G 101 15.03 13.48 8.35
N THR G 102 13.88 14.14 8.45
CA THR G 102 13.34 14.92 7.34
C THR G 102 13.15 16.38 7.73
N LEU G 103 13.39 17.27 6.78
CA LEU G 103 12.93 18.66 6.89
C LEU G 103 12.24 19.12 5.61
N ARG G 104 10.96 19.46 5.73
CA ARG G 104 10.25 20.11 4.63
C ARG G 104 10.44 21.62 4.67
N GLY G 105 11.14 22.15 3.68
CA GLY G 105 11.41 23.58 3.60
C GLY G 105 10.15 24.40 3.36
N ASP G 106 10.16 25.64 3.86
CA ASP G 106 9.07 26.56 3.62
C ASP G 106 8.89 26.84 2.13
N GLY G 107 7.73 26.47 1.60
CA GLY G 107 7.41 26.72 0.20
C GLY G 107 8.02 25.69 -0.74
N ALA G 108 8.50 24.59 -0.17
CA ALA G 108 8.97 23.46 -0.98
C ALA G 108 7.81 22.80 -1.72
N GLY G 109 8.09 22.35 -2.95
CA GLY G 109 7.13 21.57 -3.71
C GLY G 109 6.72 20.29 -3.00
N PRO G 110 5.46 19.87 -3.19
CA PRO G 110 4.87 18.77 -2.44
C PRO G 110 5.52 17.44 -2.79
N GLN G 111 6.13 17.38 -3.96
CA GLN G 111 6.77 16.16 -4.46
C GLN G 111 8.10 15.91 -3.76
N SER G 112 8.65 16.95 -3.15
CA SER G 112 10.07 17.01 -2.87
C SER G 112 10.41 16.24 -1.60
N TYR G 113 9.42 16.11 -0.74
CA TYR G 113 9.59 15.42 0.54
C TYR G 113 10.02 13.97 0.33
N GLU G 114 9.21 13.21 -0.39
CA GLU G 114 9.50 11.81 -0.67
C GLU G 114 10.65 11.66 -1.65
N SER G 115 10.76 12.62 -2.56
CA SER G 115 11.86 12.65 -3.52
C SER G 115 13.22 12.71 -2.82
N ALA G 116 13.34 13.61 -1.85
CA ALA G 116 14.54 13.69 -1.02
C ALA G 116 14.83 12.37 -0.32
N GLU G 117 13.80 11.75 0.23
CA GLU G 117 13.93 10.51 0.98
C GLU G 117 14.56 9.40 0.16
N ARG G 118 14.08 9.24 -1.07
CA ARG G 118 14.49 8.14 -1.92
C ARG G 118 15.85 8.37 -2.55
N LYS G 119 16.18 9.64 -2.77
CA LYS G 119 17.53 10.02 -3.21
C LYS G 119 18.56 9.65 -2.15
N ALA G 120 18.29 10.03 -0.90
CA ALA G 120 19.18 9.69 0.21
C ALA G 120 19.31 8.19 0.38
N PHE G 121 18.20 7.48 0.23
CA PHE G 121 18.17 6.02 0.29
C PHE G 121 19.03 5.40 -0.82
N THR G 122 18.83 5.88 -2.04
CA THR G 122 19.58 5.40 -3.19
C THR G 122 21.09 5.63 -3.01
N ALA G 123 21.44 6.83 -2.56
CA ALA G 123 22.85 7.21 -2.43
C ALA G 123 23.61 6.30 -1.47
N VAL G 124 23.00 6.02 -0.32
CA VAL G 124 23.66 5.22 0.70
C VAL G 124 23.68 3.74 0.33
N SER G 125 22.77 3.34 -0.54
CA SER G 125 22.61 1.94 -0.92
C SER G 125 23.80 1.45 -1.74
N TRP G 126 24.35 2.35 -2.55
CA TRP G 126 25.49 2.01 -3.40
C TRP G 126 26.67 2.94 -3.15
N ASN G 127 26.57 3.73 -2.09
CA ASN G 127 27.67 4.60 -1.66
C ASN G 127 28.20 5.46 -2.79
N ALA G 128 27.28 6.00 -3.59
CA ALA G 128 27.64 6.96 -4.63
C ALA G 128 26.64 8.10 -4.67
N PRO G 129 27.07 9.27 -5.16
CA PRO G 129 26.14 10.32 -5.60
C PRO G 129 25.13 9.77 -6.60
N THR G 130 23.88 10.22 -6.48
CA THR G 130 22.82 9.73 -7.36
C THR G 130 22.97 10.28 -8.78
N SER G 131 23.67 11.40 -8.91
CA SER G 131 24.07 11.91 -10.22
C SER G 131 25.03 10.97 -10.93
N GLU G 132 25.92 10.36 -10.16
CA GLU G 132 26.76 9.27 -10.67
C GLU G 132 25.92 8.03 -10.96
N LEU G 133 24.99 7.71 -10.07
CA LEU G 133 24.26 6.45 -10.13
C LEU G 133 23.32 6.41 -11.33
N ALA G 134 22.76 7.57 -11.67
CA ALA G 134 21.80 7.66 -12.77
C ALA G 134 22.45 7.31 -14.10
N LYS G 135 23.75 7.57 -14.21
CA LYS G 135 24.50 7.26 -15.43
C LYS G 135 24.66 5.76 -15.63
N ARG G 136 24.39 4.99 -14.57
CA ARG G 136 24.52 3.54 -14.63
C ARG G 136 23.35 2.90 -15.37
N LEU G 137 22.31 3.70 -15.65
CA LEU G 137 21.09 3.19 -16.24
C LEU G 137 21.22 2.99 -17.75
N ALA G 138 22.22 3.63 -18.34
CA ALA G 138 22.46 3.50 -19.78
C ALA G 138 22.67 2.05 -20.17
N GLN G 139 23.51 1.35 -19.44
CA GLN G 139 23.80 -0.06 -19.73
C GLN G 139 23.05 -1.02 -18.81
N ALA G 140 22.40 -0.47 -17.78
CA ALA G 140 21.54 -1.27 -16.91
C ALA G 140 20.24 -0.53 -16.56
N PRO G 141 19.30 -0.50 -17.52
CA PRO G 141 18.08 0.30 -17.43
C PRO G 141 17.16 -0.11 -16.27
N THR G 142 17.30 -1.34 -15.79
CA THR G 142 16.32 -1.89 -14.84
C THR G 142 16.80 -1.80 -13.40
N LEU G 143 17.95 -1.16 -13.18
CA LEU G 143 18.39 -0.78 -11.84
C LEU G 143 17.34 0.09 -11.16
N LYS G 144 16.64 0.89 -11.95
CA LYS G 144 15.66 1.85 -11.43
C LYS G 144 14.38 1.16 -10.97
N ASP G 145 14.28 -0.14 -11.22
CA ASP G 145 13.09 -0.91 -10.86
C ASP G 145 13.26 -1.61 -9.51
N ILE G 146 14.44 -1.44 -8.91
CA ILE G 146 14.64 -1.80 -7.51
C ILE G 146 13.79 -0.92 -6.61
N PRO G 147 12.94 -1.53 -5.78
CA PRO G 147 12.04 -0.81 -4.88
C PRO G 147 12.81 0.14 -3.96
N GLY G 148 12.26 1.34 -3.77
CA GLY G 148 12.78 2.27 -2.77
C GLY G 148 13.68 3.33 -3.37
N THR G 149 14.10 3.12 -4.62
CA THR G 149 15.21 3.89 -5.19
C THR G 149 14.71 5.03 -6.06
N LEU G 150 15.52 6.07 -6.17
CA LEU G 150 15.33 7.10 -7.19
C LEU G 150 16.67 7.50 -7.79
N PHE G 151 16.82 7.27 -9.09
CA PHE G 151 18.10 7.48 -9.75
C PHE G 151 18.16 8.87 -10.39
N LEU G 152 18.37 9.87 -9.56
CA LEU G 152 18.16 11.26 -9.94
C LEU G 152 18.89 12.19 -8.98
N ALA G 153 19.63 13.14 -9.54
CA ALA G 153 20.67 13.85 -8.81
C ALA G 153 20.10 14.60 -7.61
N GLY G 154 20.85 14.62 -6.51
CA GLY G 154 20.38 15.23 -5.28
C GLY G 154 20.71 14.39 -4.06
N GLY G 155 21.19 13.18 -4.27
CA GLY G 155 21.58 12.30 -3.18
C GLY G 155 23.08 12.08 -3.13
N THR G 156 23.65 12.13 -1.93
CA THR G 156 25.09 12.00 -1.75
C THR G 156 25.43 11.26 -0.45
N PRO G 157 26.35 10.27 -0.55
CA PRO G 157 26.64 9.40 0.59
C PRO G 157 27.53 10.08 1.64
N VAL G 158 27.33 9.71 2.90
CA VAL G 158 28.30 9.96 3.95
C VAL G 158 28.96 8.67 4.41
N THR G 159 30.28 8.69 4.58
CA THR G 159 31.04 7.50 4.95
C THR G 159 31.60 7.61 6.36
N ALA G 160 31.92 6.47 6.96
CA ALA G 160 32.79 6.42 8.12
C ALA G 160 33.82 5.31 7.98
N LYS G 161 35.09 5.69 7.93
CA LYS G 161 36.16 4.78 7.52
C LYS G 161 35.85 4.12 6.18
N GLY G 162 35.43 4.93 5.21
CA GLY G 162 35.33 4.48 3.82
C GLY G 162 33.99 3.82 3.52
N ALA G 163 33.30 3.40 4.58
CA ALA G 163 32.05 2.67 4.43
C ALA G 163 30.85 3.56 4.70
N PRO G 164 29.80 3.44 3.86
CA PRO G 164 28.65 4.34 3.91
C PRO G 164 27.82 4.15 5.17
N VAL G 165 27.46 5.26 5.82
CA VAL G 165 26.71 5.19 7.07
C VAL G 165 25.38 5.95 6.99
N ALA G 166 25.31 6.89 6.05
CA ALA G 166 24.07 7.63 5.78
C ALA G 166 24.06 8.18 4.36
N GLY G 167 22.87 8.50 3.86
CA GLY G 167 22.73 9.33 2.68
C GLY G 167 22.01 10.62 2.97
N ILE G 168 22.42 11.69 2.29
CA ILE G 168 21.70 12.96 2.35
C ILE G 168 20.99 13.25 1.03
N GLY G 169 19.68 13.46 1.12
CA GLY G 169 18.86 13.69 -0.06
C GLY G 169 18.26 15.09 -0.05
N VAL G 170 18.45 15.80 -1.15
CA VAL G 170 17.78 17.07 -1.37
C VAL G 170 16.92 17.00 -2.63
N ALA G 171 15.68 17.48 -2.54
CA ALA G 171 14.85 17.67 -3.72
C ALA G 171 14.18 19.05 -3.68
N GLY G 172 14.13 19.69 -4.84
CA GLY G 172 13.06 20.64 -5.14
C GLY G 172 13.62 21.92 -5.76
N ALA G 173 14.94 21.94 -5.92
CA ALA G 173 15.62 22.99 -6.68
C ALA G 173 15.24 22.94 -8.16
N PRO G 174 15.58 24.00 -8.92
CA PRO G 174 15.41 24.04 -10.37
C PRO G 174 15.95 22.80 -11.06
N SER G 175 17.04 22.25 -10.54
CA SER G 175 17.63 21.04 -11.11
C SER G 175 18.17 20.11 -10.02
N GLY G 176 18.35 18.84 -10.37
CA GLY G 176 18.88 17.86 -9.44
C GLY G 176 20.34 18.08 -9.12
N ASP G 177 21.06 18.74 -10.03
CA ASP G 177 22.45 19.08 -9.81
C ASP G 177 22.60 20.15 -8.73
N LEU G 178 21.66 21.09 -8.70
CA LEU G 178 21.61 22.10 -7.64
C LEU G 178 21.19 21.47 -6.31
N ASP G 179 20.32 20.48 -6.37
CA ASP G 179 19.95 19.70 -5.19
C ASP G 179 21.16 19.04 -4.55
N GLU G 180 21.99 18.40 -5.38
CA GLU G 180 23.14 17.66 -4.89
C GLU G 180 24.24 18.59 -4.39
N GLN G 181 24.27 19.81 -4.93
CA GLN G 181 25.14 20.86 -4.43
C GLN G 181 24.83 21.20 -2.98
N TYR G 182 23.54 21.40 -2.69
CA TYR G 182 23.10 21.66 -1.33
C TYR G 182 23.27 20.43 -0.43
N ALA G 183 23.11 19.25 -1.03
CA ALA G 183 23.31 17.99 -0.31
C ALA G 183 24.77 17.78 0.08
N ARG G 184 25.68 18.17 -0.81
CA ARG G 184 27.10 18.16 -0.51
C ARG G 184 27.46 19.17 0.57
N ALA G 185 26.78 20.31 0.55
CA ALA G 185 26.98 21.34 1.56
C ALA G 185 26.45 20.91 2.92
N GLY G 186 25.40 20.11 2.91
CA GLY G 186 24.96 19.40 4.11
C GLY G 186 26.04 18.51 4.68
N ALA G 187 26.62 17.66 3.82
CA ALA G 187 27.60 16.67 4.27
C ALA G 187 28.92 17.32 4.68
N ALA G 188 29.08 18.59 4.35
CA ALA G 188 30.38 19.26 4.48
C ALA G 188 30.62 19.75 5.90
N VAL G 189 29.57 19.82 6.70
CA VAL G 189 29.69 20.25 8.09
C VAL G 189 30.07 19.08 9.00
N LEU G 190 29.96 17.88 8.49
CA LEU G 190 30.74 16.74 8.97
C LEU G 190 32.09 16.66 8.25
N GLY G 191 33.04 15.94 8.85
CA GLY G 191 33.02 15.63 10.28
C GLY G 191 33.48 16.78 11.16
N HIS G 192 34.11 17.79 10.55
CA HIS G 192 35.51 17.74 10.20
C HIS G 192 36.40 17.63 11.44
N VAL H 52 -34.19 8.04 1.20
CA VAL H 52 -34.20 9.37 0.50
C VAL H 52 -33.83 9.23 -0.97
N ALA H 53 -34.82 9.43 -1.84
CA ALA H 53 -34.92 8.66 -3.07
C ALA H 53 -34.88 9.57 -4.27
N ALA H 54 -34.10 9.18 -5.29
CA ALA H 54 -33.79 10.07 -6.40
C ALA H 54 -34.57 9.69 -7.65
N ARG H 55 -34.71 10.65 -8.56
CA ARG H 55 -35.82 10.65 -9.51
C ARG H 55 -35.45 11.46 -10.76
N GLY H 56 -36.10 11.15 -11.88
CA GLY H 56 -35.47 10.43 -12.97
C GLY H 56 -34.28 11.17 -13.54
N GLY H 57 -34.30 12.49 -13.45
CA GLY H 57 -33.44 13.35 -14.26
C GLY H 57 -32.00 13.30 -13.79
N GLU H 58 -31.81 12.89 -12.54
CA GLU H 58 -30.52 12.97 -11.89
C GLU H 58 -30.00 11.57 -11.60
N LEU H 59 -30.81 10.58 -11.94
CA LEU H 59 -30.32 9.23 -12.24
C LEU H 59 -29.77 9.10 -13.65
N THR H 60 -28.88 8.13 -13.84
CA THR H 60 -28.51 7.65 -15.17
C THR H 60 -28.21 6.15 -15.15
N GLN H 61 -28.15 5.54 -16.33
CA GLN H 61 -27.98 4.09 -16.45
C GLN H 61 -26.61 3.74 -17.00
N SER H 62 -26.11 2.54 -16.66
CA SER H 62 -24.98 1.95 -17.36
C SER H 62 -25.18 0.45 -17.60
N THR H 63 -24.41 -0.10 -18.53
CA THR H 63 -24.60 -1.47 -18.98
C THR H 63 -23.41 -2.35 -18.60
N HIS H 64 -23.70 -3.59 -18.22
CA HIS H 64 -22.66 -4.51 -17.75
C HIS H 64 -22.99 -5.94 -18.21
N LEU H 65 -21.95 -6.75 -18.36
CA LEU H 65 -22.11 -8.20 -18.28
C LEU H 65 -22.78 -8.61 -16.97
N THR H 66 -23.66 -9.59 -17.04
CA THR H 66 -24.01 -10.40 -15.87
C THR H 66 -22.79 -11.15 -15.35
N LEU H 67 -22.86 -11.59 -14.09
CA LEU H 67 -21.88 -12.53 -13.57
C LEU H 67 -21.83 -13.80 -14.41
N GLU H 68 -22.99 -14.30 -14.78
CA GLU H 68 -23.09 -15.50 -15.62
C GLU H 68 -22.34 -15.33 -16.93
N ALA H 69 -22.52 -14.19 -17.57
CA ALA H 69 -21.84 -13.86 -18.82
C ALA H 69 -20.32 -13.83 -18.63
N ALA H 70 -19.88 -13.15 -17.56
CA ALA H 70 -18.47 -12.93 -17.32
C ALA H 70 -17.76 -14.23 -16.92
N THR H 71 -18.45 -15.04 -16.12
CA THR H 71 -17.98 -16.38 -15.79
C THR H 71 -17.88 -17.26 -17.04
N LYS H 72 -18.90 -17.20 -17.87
CA LYS H 72 -18.94 -17.96 -19.12
C LYS H 72 -17.74 -17.64 -20.01
N ALA H 73 -17.44 -16.35 -20.14
CA ALA H 73 -16.35 -15.91 -21.01
C ALA H 73 -14.98 -16.32 -20.46
N ALA H 74 -14.79 -16.12 -19.16
CA ALA H 74 -13.52 -16.45 -18.51
C ALA H 74 -13.21 -17.94 -18.61
N ARG H 75 -14.24 -18.77 -18.42
CA ARG H 75 -14.07 -20.22 -18.36
C ARG H 75 -13.67 -20.77 -19.74
N ALA H 76 -14.19 -20.13 -20.78
CA ALA H 76 -13.90 -20.55 -22.15
C ALA H 76 -12.50 -20.10 -22.58
N ALA H 77 -12.03 -19.01 -21.98
CA ALA H 77 -10.66 -18.54 -22.21
C ALA H 77 -9.65 -19.50 -21.59
N VAL H 78 -9.97 -20.01 -20.41
CA VAL H 78 -9.21 -21.11 -19.82
C VAL H 78 -9.32 -22.37 -20.68
N GLU H 79 -10.53 -22.68 -21.12
CA GLU H 79 -10.77 -23.87 -21.94
C GLU H 79 -9.93 -23.87 -23.21
N ALA H 80 -9.82 -22.70 -23.85
CA ALA H 80 -9.07 -22.56 -25.08
C ALA H 80 -7.56 -22.64 -24.83
N ALA H 81 -7.14 -22.19 -23.64
CA ALA H 81 -5.75 -22.29 -23.24
C ALA H 81 -5.35 -23.73 -22.96
N GLU H 82 -6.16 -24.42 -22.18
CA GLU H 82 -5.86 -25.80 -21.79
C GLU H 82 -5.95 -26.76 -22.98
N LYS H 83 -6.61 -26.31 -24.04
CA LYS H 83 -6.59 -27.00 -25.33
C LYS H 83 -5.18 -27.01 -25.93
N ASP H 84 -4.41 -25.96 -25.65
CA ASP H 84 -3.09 -25.80 -26.24
C ASP H 84 -1.98 -26.26 -25.29
N GLY H 85 -2.38 -26.86 -24.17
CA GLY H 85 -1.44 -27.23 -23.12
C GLY H 85 -0.91 -26.04 -22.36
N ARG H 86 -1.69 -24.96 -22.32
CA ARG H 86 -1.23 -23.71 -21.73
C ARG H 86 -1.89 -23.49 -20.37
N HIS H 87 -1.14 -22.84 -19.47
CA HIS H 87 -1.61 -22.63 -18.11
C HIS H 87 -1.64 -21.14 -17.76
N VAL H 88 -2.85 -20.59 -17.65
CA VAL H 88 -3.02 -19.15 -17.61
C VAL H 88 -3.89 -18.73 -16.43
N SER H 89 -3.83 -17.45 -16.07
CA SER H 89 -4.89 -16.82 -15.30
C SER H 89 -5.74 -15.92 -16.19
N VAL H 90 -7.04 -15.90 -15.92
CA VAL H 90 -7.97 -15.01 -16.63
C VAL H 90 -8.74 -14.12 -15.65
N ALA H 91 -8.84 -12.84 -16.00
CA ALA H 91 -9.70 -11.92 -15.27
C ALA H 91 -10.75 -11.31 -16.21
N VAL H 92 -11.94 -11.08 -15.67
CA VAL H 92 -12.92 -10.21 -16.32
C VAL H 92 -13.20 -8.97 -15.47
N VAL H 93 -12.93 -7.80 -16.04
CA VAL H 93 -13.03 -6.54 -15.30
C VAL H 93 -14.10 -5.64 -15.93
N ASP H 94 -14.95 -5.07 -15.09
CA ASP H 94 -16.01 -4.18 -15.55
C ASP H 94 -15.46 -2.90 -16.16
N ARG H 95 -16.32 -2.18 -16.88
CA ARG H 95 -16.00 -0.82 -17.34
C ARG H 95 -15.83 0.15 -16.17
N ASN H 96 -16.38 -0.20 -15.02
CA ASN H 96 -16.38 0.71 -13.87
C ASN H 96 -15.12 0.62 -12.98
N GLY H 97 -14.05 0.05 -13.51
CA GLY H 97 -13.83 -1.39 -13.50
C GLY H 97 -13.43 -1.93 -12.13
N ASN H 98 -14.43 -2.40 -11.38
CA ASN H 98 -14.28 -3.58 -10.54
C ASN H 98 -14.01 -4.87 -11.33
N THR H 99 -13.20 -5.75 -10.75
CA THR H 99 -13.08 -7.13 -11.21
C THR H 99 -14.33 -7.92 -10.89
N LEU H 100 -14.89 -8.58 -11.90
CA LEU H 100 -16.07 -9.44 -11.72
C LEU H 100 -15.66 -10.90 -11.51
N VAL H 101 -14.71 -11.37 -12.33
CA VAL H 101 -14.25 -12.75 -12.26
C VAL H 101 -12.73 -12.79 -12.29
N THR H 102 -12.13 -13.63 -11.44
CA THR H 102 -10.81 -14.16 -11.70
C THR H 102 -10.80 -15.68 -11.66
N LEU H 103 -10.03 -16.30 -12.56
CA LEU H 103 -9.70 -17.71 -12.46
C LEU H 103 -8.19 -17.91 -12.53
N ARG H 104 -7.64 -18.64 -11.56
CA ARG H 104 -6.23 -19.03 -11.59
C ARG H 104 -6.07 -20.46 -12.10
N GLY H 105 -5.59 -20.59 -13.34
CA GLY H 105 -5.42 -21.89 -13.96
C GLY H 105 -4.43 -22.77 -13.24
N ASP H 106 -4.67 -24.08 -13.29
CA ASP H 106 -3.72 -25.05 -12.75
C ASP H 106 -2.36 -24.89 -13.40
N GLY H 107 -1.38 -24.45 -12.62
CA GLY H 107 0.01 -24.38 -13.07
C GLY H 107 0.37 -23.08 -13.75
N ALA H 108 -0.55 -22.11 -13.69
CA ALA H 108 -0.23 -20.73 -14.06
C ALA H 108 0.91 -20.17 -13.22
N GLY H 109 1.80 -19.41 -13.86
CA GLY H 109 2.78 -18.59 -13.14
C GLY H 109 2.13 -17.64 -12.16
N PRO H 110 2.82 -17.38 -11.03
CA PRO H 110 2.23 -16.63 -9.92
C PRO H 110 2.05 -15.16 -10.26
N GLN H 111 2.81 -14.68 -11.25
CA GLN H 111 2.72 -13.30 -11.70
C GLN H 111 1.46 -13.07 -12.54
N SER H 112 0.88 -14.14 -13.05
CA SER H 112 -0.09 -14.06 -14.14
C SER H 112 -1.48 -13.61 -13.67
N TYR H 113 -1.74 -13.81 -12.38
CA TYR H 113 -3.04 -13.47 -11.78
C TYR H 113 -3.31 -11.97 -11.83
N GLU H 114 -2.43 -11.19 -11.18
CA GLU H 114 -2.50 -9.73 -11.24
C GLU H 114 -2.36 -9.22 -12.67
N SER H 115 -1.53 -9.90 -13.45
CA SER H 115 -1.22 -9.47 -14.81
C SER H 115 -2.46 -9.50 -15.69
N ALA H 116 -3.18 -10.62 -15.66
CA ALA H 116 -4.48 -10.74 -16.33
C ALA H 116 -5.42 -9.61 -15.92
N GLU H 117 -5.41 -9.26 -14.64
CA GLU H 117 -6.31 -8.26 -14.10
C GLU H 117 -6.07 -6.89 -14.73
N ARG H 118 -4.80 -6.48 -14.77
CA ARG H 118 -4.44 -5.16 -15.24
C ARG H 118 -4.64 -5.01 -16.75
N LYS H 119 -4.37 -6.10 -17.48
CA LYS H 119 -4.67 -6.17 -18.91
C LYS H 119 -6.15 -5.92 -19.17
N ALA H 120 -7.00 -6.66 -18.47
CA ALA H 120 -8.45 -6.52 -18.61
C ALA H 120 -8.91 -5.11 -18.25
N PHE H 121 -8.31 -4.55 -17.21
CA PHE H 121 -8.55 -3.17 -16.80
C PHE H 121 -8.14 -2.19 -17.89
N THR H 122 -6.99 -2.44 -18.51
CA THR H 122 -6.44 -1.53 -19.51
C THR H 122 -7.21 -1.61 -20.83
N ALA H 123 -7.66 -2.80 -21.17
CA ALA H 123 -8.47 -3.00 -22.38
C ALA H 123 -9.78 -2.23 -22.32
N VAL H 124 -10.50 -2.37 -21.22
CA VAL H 124 -11.83 -1.78 -21.09
C VAL H 124 -11.74 -0.27 -20.86
N SER H 125 -10.57 0.20 -20.42
CA SER H 125 -10.36 1.62 -20.15
C SER H 125 -10.35 2.42 -21.45
N TRP H 126 -9.91 1.78 -22.53
CA TRP H 126 -9.63 2.48 -23.77
C TRP H 126 -10.34 1.83 -24.96
N ASN H 127 -11.11 0.78 -24.68
CA ASN H 127 -11.89 0.09 -25.70
C ASN H 127 -11.04 -0.43 -26.85
N ALA H 128 -9.91 -1.05 -26.51
CA ALA H 128 -9.03 -1.67 -27.49
C ALA H 128 -8.36 -2.90 -26.91
N PRO H 129 -7.94 -3.84 -27.77
CA PRO H 129 -6.89 -4.80 -27.43
C PRO H 129 -5.67 -4.12 -26.82
N THR H 130 -5.07 -4.76 -25.82
CA THR H 130 -3.88 -4.23 -25.18
C THR H 130 -2.65 -4.34 -26.10
N SER H 131 -2.68 -5.31 -27.00
CA SER H 131 -1.67 -5.39 -28.07
C SER H 131 -1.70 -4.14 -28.97
N GLU H 132 -2.90 -3.69 -29.31
CA GLU H 132 -3.07 -2.42 -30.01
C GLU H 132 -2.61 -1.24 -29.15
N LEU H 133 -2.97 -1.27 -27.87
CA LEU H 133 -2.70 -0.15 -26.97
C LEU H 133 -1.21 -0.02 -26.67
N ALA H 134 -0.49 -1.14 -26.75
CA ALA H 134 0.93 -1.18 -26.41
C ALA H 134 1.76 -0.41 -27.44
N LYS H 135 1.26 -0.33 -28.66
CA LYS H 135 1.96 0.36 -29.74
C LYS H 135 1.76 1.87 -29.69
N ARG H 136 0.84 2.30 -28.83
CA ARG H 136 0.62 3.73 -28.60
C ARG H 136 1.74 4.36 -27.78
N LEU H 137 2.58 3.51 -27.19
CA LEU H 137 3.60 3.97 -26.24
C LEU H 137 4.80 4.57 -26.96
N ALA H 138 4.85 4.39 -28.28
CA ALA H 138 6.01 4.82 -29.07
C ALA H 138 6.16 6.33 -29.05
N GLN H 139 5.04 7.05 -29.09
CA GLN H 139 5.06 8.51 -29.17
C GLN H 139 4.31 9.15 -28.01
N ALA H 140 3.66 8.32 -27.20
CA ALA H 140 3.27 8.73 -25.85
C ALA H 140 3.70 7.70 -24.80
N PRO H 141 4.98 7.78 -24.37
CA PRO H 141 5.62 6.71 -23.60
C PRO H 141 5.16 6.67 -22.15
N THR H 142 4.49 7.72 -21.69
CA THR H 142 4.14 7.85 -20.28
C THR H 142 2.68 7.45 -20.03
N LEU H 143 2.05 6.86 -21.03
CA LEU H 143 0.73 6.25 -20.87
C LEU H 143 0.78 5.10 -19.87
N LYS H 144 1.93 4.44 -19.78
CA LYS H 144 2.09 3.29 -18.88
C LYS H 144 2.38 3.72 -17.45
N ASP H 145 2.44 5.04 -17.24
CA ASP H 145 2.60 5.58 -15.89
C ASP H 145 1.24 5.82 -15.22
N ILE H 146 0.17 5.73 -16.01
CA ILE H 146 -1.18 5.72 -15.47
C ILE H 146 -1.40 4.51 -14.55
N PRO H 147 -1.75 4.77 -13.28
CA PRO H 147 -1.93 3.71 -12.28
C PRO H 147 -2.96 2.68 -12.72
N GLY H 148 -2.64 1.41 -12.53
CA GLY H 148 -3.61 0.34 -12.69
C GLY H 148 -3.48 -0.41 -14.01
N THR H 149 -2.61 0.10 -14.87
CA THR H 149 -2.59 -0.29 -16.28
C THR H 149 -1.44 -1.25 -16.59
N LEU H 150 -1.67 -2.17 -17.49
CA LEU H 150 -0.60 -2.97 -18.07
C LEU H 150 -0.71 -3.03 -19.59
N PHE H 151 0.23 -2.39 -20.27
CA PHE H 151 0.16 -2.24 -21.73
C PHE H 151 0.87 -3.41 -22.42
N LEU H 152 0.21 -4.55 -22.46
CA LEU H 152 0.85 -5.81 -22.86
C LEU H 152 -0.20 -6.78 -23.36
N ALA H 153 0.06 -7.36 -24.53
CA ALA H 153 -0.92 -8.18 -25.23
C ALA H 153 -1.55 -9.21 -24.29
N GLY H 154 -2.88 -9.33 -24.35
CA GLY H 154 -3.58 -10.33 -23.55
C GLY H 154 -4.91 -9.83 -23.01
N GLY H 155 -5.16 -8.53 -23.13
CA GLY H 155 -6.47 -7.97 -22.81
C GLY H 155 -7.25 -7.61 -24.06
N THR H 156 -8.54 -7.95 -24.06
CA THR H 156 -9.42 -7.62 -25.18
C THR H 156 -10.79 -7.15 -24.68
N PRO H 157 -11.31 -6.07 -25.27
CA PRO H 157 -12.52 -5.41 -24.75
C PRO H 157 -13.80 -6.11 -25.20
N VAL H 158 -14.83 -6.03 -24.37
CA VAL H 158 -16.17 -6.49 -24.73
C VAL H 158 -17.16 -5.34 -24.70
N THR H 159 -18.04 -5.27 -25.70
CA THR H 159 -18.82 -4.06 -25.96
C THR H 159 -20.32 -4.35 -25.95
N ALA H 160 -21.11 -3.30 -25.76
CA ALA H 160 -22.56 -3.39 -25.88
C ALA H 160 -23.13 -2.17 -26.60
N LYS H 161 -23.72 -2.40 -27.77
CA LYS H 161 -23.74 -1.41 -28.85
C LYS H 161 -22.53 -0.48 -28.79
N GLY H 162 -21.34 -1.06 -28.97
CA GLY H 162 -20.19 -0.29 -29.42
C GLY H 162 -19.40 0.30 -28.26
N ALA H 163 -20.10 0.54 -27.16
CA ALA H 163 -19.46 1.04 -25.93
C ALA H 163 -18.96 -0.11 -25.06
N PRO H 164 -17.75 0.05 -24.50
CA PRO H 164 -17.10 -1.01 -23.74
C PRO H 164 -17.78 -1.26 -22.39
N VAL H 165 -18.00 -2.52 -22.05
CA VAL H 165 -18.67 -2.87 -20.81
C VAL H 165 -17.83 -3.80 -19.94
N ALA H 166 -16.86 -4.46 -20.57
CA ALA H 166 -15.99 -5.42 -19.88
C ALA H 166 -14.63 -5.49 -20.56
N GLY H 167 -13.61 -5.91 -19.81
CA GLY H 167 -12.39 -6.42 -20.40
C GLY H 167 -12.13 -7.87 -20.02
N ILE H 168 -11.52 -8.62 -20.93
CA ILE H 168 -11.00 -9.94 -20.62
C ILE H 168 -9.48 -9.98 -20.75
N GLY H 169 -8.80 -10.16 -19.63
CA GLY H 169 -7.35 -10.26 -19.62
C GLY H 169 -6.89 -11.70 -19.41
N VAL H 170 -5.93 -12.13 -20.21
CA VAL H 170 -5.26 -13.41 -19.99
C VAL H 170 -3.75 -13.21 -19.82
N ALA H 171 -3.16 -13.95 -18.90
CA ALA H 171 -1.71 -13.94 -18.73
C ALA H 171 -1.19 -15.35 -18.45
N GLY H 172 -0.09 -15.69 -19.08
CA GLY H 172 0.83 -16.69 -18.56
C GLY H 172 1.21 -17.72 -19.62
N ALA H 173 0.64 -17.55 -20.81
CA ALA H 173 1.07 -18.30 -21.99
C ALA H 173 2.46 -17.86 -22.45
N PRO H 174 3.08 -18.64 -23.37
CA PRO H 174 4.44 -18.38 -23.84
C PRO H 174 4.64 -16.96 -24.35
N SER H 175 3.59 -16.37 -24.91
CA SER H 175 3.63 -14.97 -25.33
C SER H 175 2.29 -14.29 -25.07
N GLY H 176 2.32 -12.96 -24.99
CA GLY H 176 1.11 -12.17 -24.79
C GLY H 176 0.17 -12.22 -25.97
N ASP H 177 0.73 -12.47 -27.16
CA ASP H 177 -0.07 -12.65 -28.35
C ASP H 177 -0.99 -13.87 -28.23
N LEU H 178 -0.46 -14.94 -27.65
CA LEU H 178 -1.24 -16.13 -27.38
C LEU H 178 -2.26 -15.89 -26.28
N ASP H 179 -1.89 -15.09 -25.29
CA ASP H 179 -2.81 -14.66 -24.24
C ASP H 179 -4.05 -14.00 -24.84
N GLU H 180 -3.83 -13.05 -25.74
CA GLU H 180 -4.92 -12.27 -26.32
C GLU H 180 -5.77 -13.09 -27.27
N GLN H 181 -5.17 -14.13 -27.86
CA GLN H 181 -5.90 -15.10 -28.65
C GLN H 181 -6.91 -15.87 -27.80
N TYR H 182 -6.47 -16.32 -26.62
CA TYR H 182 -7.35 -17.00 -25.68
C TYR H 182 -8.35 -16.03 -25.06
N ALA H 183 -7.92 -14.78 -24.90
CA ALA H 183 -8.82 -13.71 -24.46
C ALA H 183 -9.95 -13.47 -25.47
N ARG H 184 -9.60 -13.53 -26.76
CA ARG H 184 -10.60 -13.39 -27.82
C ARG H 184 -11.54 -14.60 -27.87
N ALA H 185 -10.98 -15.77 -27.59
CA ALA H 185 -11.77 -17.00 -27.56
C ALA H 185 -12.76 -17.02 -26.40
N GLY H 186 -12.41 -16.33 -25.32
CA GLY H 186 -13.35 -16.08 -24.22
C GLY H 186 -14.45 -15.11 -24.62
N ALA H 187 -14.08 -14.03 -25.30
CA ALA H 187 -15.04 -13.02 -25.74
C ALA H 187 -15.97 -13.57 -26.82
N ALA H 188 -15.56 -14.65 -27.47
CA ALA H 188 -16.24 -15.16 -28.65
C ALA H 188 -17.54 -15.89 -28.29
N VAL H 189 -17.60 -16.44 -27.08
CA VAL H 189 -18.77 -17.19 -26.64
C VAL H 189 -19.90 -16.26 -26.20
N LEU H 190 -19.60 -14.96 -26.13
CA LEU H 190 -20.63 -13.94 -25.98
C LEU H 190 -21.18 -13.52 -27.34
N GLY H 191 -22.51 -13.44 -27.42
CA GLY H 191 -23.39 -14.55 -27.04
C GLY H 191 -24.70 -14.57 -27.79
N HIS H 192 -24.63 -14.76 -29.11
CA HIS H 192 -24.42 -13.65 -30.03
C HIS H 192 -25.75 -13.09 -30.51
FE FE I . 19.99 -4.56 -5.27
FE FE J . -0.64 -16.85 12.96
FE FE K . -12.92 12.69 10.69
FE FE L . 5.45 3.94 20.07
FE FE M . -6.30 8.92 -18.32
FE FE N . 11.79 16.53 -6.81
FE FE O . -19.20 -7.97 3.54
FE FE P . 2.17 -12.36 -16.98
#